data_7NS5
#
_entry.id   7NS5
#
_cell.length_a   58.018
_cell.length_b   133.794
_cell.length_c   171.490
_cell.angle_alpha   90.000
_cell.angle_beta   90.000
_cell.angle_gamma   90.000
#
_symmetry.space_group_name_H-M   'P 21 21 21'
#
loop_
_entity.id
_entity.type
_entity.pdbx_description
1 polymer Fructose-1,6-bisphosphatase
2 non-polymer 'PHOSPHATE ION'
3 non-polymer 'MAGNESIUM ION'
4 water water
#
_entity_poly.entity_id   1
_entity_poly.type   'polypeptide(L)'
_entity_poly.pdbx_seq_one_letter_code
;MPTLVNGPRRDSTEGFDTDIITLPRFIIEHQKQFKNATGDFTLVLNALQFAFKFVSHTIRRAELVNLVGLAGASNFTGDQ
QKKLDVLGDEIFINAMRASGIIKVLVSEEQEDLIVFPTNTGSYAVCCDPIDGSSNLDAGVSVGTIASIFRLLPDSSGTIN
DVLRCGKEMVAACYAMYGSSTHLVLTLGDGVDGFTLDTNLGEFILTHPNLRIPPQKAIYSINEGNTLYWNETIRTFIEKV
KQPQADNNNKPFSARYVGSMVADVHRTFLYGGLFAYPCDKKSPNGKLRLLYEAFPMAFLMEQAGGKAVNDRGERILDLVP
SHIHDKSSIWLGSSGEIDKFLDHIGKSQHHHHHH
;
_entity_poly.pdbx_strand_id   A,D,B,C
#
# COMPACT_ATOMS: atom_id res chain seq x y z
N ASP A 19 -9.72 -11.31 18.33
CA ASP A 19 -9.91 -9.92 17.89
C ASP A 19 -8.57 -9.21 17.66
N ILE A 20 -8.52 -8.49 16.55
CA ILE A 20 -7.35 -7.73 16.14
C ILE A 20 -7.31 -6.46 16.97
N ILE A 21 -6.17 -6.15 17.58
CA ILE A 21 -6.06 -4.94 18.39
C ILE A 21 -5.15 -3.95 17.67
N THR A 22 -5.69 -2.80 17.31
CA THR A 22 -4.88 -1.78 16.66
C THR A 22 -4.33 -0.82 17.69
N LEU A 23 -3.25 -0.14 17.31
CA LEU A 23 -2.65 0.84 18.21
C LEU A 23 -3.65 1.89 18.71
N PRO A 24 -4.50 2.50 17.88
CA PRO A 24 -5.39 3.55 18.42
C PRO A 24 -6.37 3.01 19.43
N ARG A 25 -6.93 1.82 19.20
CA ARG A 25 -7.78 1.23 20.23
C ARG A 25 -6.98 0.95 21.49
N PHE A 26 -5.77 0.42 21.36
CA PHE A 26 -4.94 0.12 22.52
C PHE A 26 -4.68 1.37 23.37
N ILE A 27 -4.31 2.47 22.71
CA ILE A 27 -4.04 3.71 23.43
C ILE A 27 -5.32 4.28 24.04
N ILE A 28 -6.43 4.27 23.30
CA ILE A 28 -7.64 4.89 23.81
C ILE A 28 -8.17 4.10 25.00
N GLU A 29 -8.16 2.77 24.90
CA GLU A 29 -8.62 1.95 26.03
C GLU A 29 -7.73 2.13 27.23
N HIS A 30 -6.44 2.34 27.00
CA HIS A 30 -5.55 2.63 28.13
C HIS A 30 -5.92 3.97 28.77
N GLN A 31 -6.05 5.02 27.96
CA GLN A 31 -6.20 6.37 28.49
C GLN A 31 -7.56 6.58 29.13
N LYS A 32 -8.59 5.87 28.67
CA LYS A 32 -9.89 6.19 29.27
C LYS A 32 -10.01 5.68 30.70
N GLN A 33 -9.02 4.93 31.20
CA GLN A 33 -9.02 4.58 32.62
C GLN A 33 -8.78 5.79 33.52
N PHE A 34 -8.27 6.89 32.98
CA PHE A 34 -7.76 8.00 33.78
C PHE A 34 -8.70 9.21 33.73
N LYS A 35 -9.07 9.71 34.91
CA LYS A 35 -9.98 10.85 35.01
C LYS A 35 -9.46 12.03 34.20
N ASN A 36 -8.15 12.29 34.28
CA ASN A 36 -7.53 13.50 33.74
C ASN A 36 -6.95 13.30 32.33
N ALA A 37 -7.37 12.25 31.62
CA ALA A 37 -6.99 12.08 30.23
C ALA A 37 -7.81 13.04 29.40
N THR A 38 -7.13 14.00 28.76
CA THR A 38 -7.78 15.01 27.94
C THR A 38 -7.78 14.69 26.47
N GLY A 39 -7.08 13.62 26.07
CA GLY A 39 -6.85 13.32 24.67
C GLY A 39 -5.49 13.79 24.18
N ASP A 40 -4.80 14.62 24.97
CA ASP A 40 -3.52 15.15 24.51
C ASP A 40 -2.47 14.06 24.33
N PHE A 41 -2.40 13.09 25.24
CA PHE A 41 -1.45 11.99 25.03
C PHE A 41 -1.83 11.12 23.84
N THR A 42 -3.10 10.80 23.68
CA THR A 42 -3.51 10.08 22.47
C THR A 42 -3.06 10.84 21.22
N LEU A 43 -3.16 12.17 21.25
CA LEU A 43 -2.77 12.96 20.08
C LEU A 43 -1.26 12.89 19.86
N VAL A 44 -0.46 12.82 20.93
CA VAL A 44 0.98 12.59 20.77
C VAL A 44 1.25 11.27 20.06
N LEU A 45 0.63 10.19 20.54
CA LEU A 45 0.80 8.89 19.88
C LEU A 45 0.33 8.91 18.44
N ASN A 46 -0.78 9.58 18.17
CA ASN A 46 -1.29 9.65 16.80
C ASN A 46 -0.29 10.35 15.88
N ALA A 47 0.28 11.46 16.35
CA ALA A 47 1.31 12.17 15.59
C ALA A 47 2.49 11.24 15.31
N LEU A 48 2.93 10.51 16.33
CA LEU A 48 4.11 9.66 16.18
C LEU A 48 3.83 8.51 15.20
N GLN A 49 2.69 7.84 15.36
CA GLN A 49 2.40 6.72 14.46
C GLN A 49 2.22 7.19 13.02
N PHE A 50 1.61 8.39 12.83
CA PHE A 50 1.56 8.99 11.49
C PHE A 50 2.96 9.18 10.93
N ALA A 51 3.85 9.83 11.69
CA ALA A 51 5.21 10.06 11.24
C ALA A 51 5.93 8.76 10.92
N PHE A 52 5.79 7.72 11.78
CA PHE A 52 6.41 6.41 11.53
C PHE A 52 5.93 5.82 10.21
N LYS A 53 4.62 5.82 9.96
CA LYS A 53 4.14 5.26 8.69
C LYS A 53 4.71 6.01 7.51
N PHE A 54 4.80 7.34 7.64
CA PHE A 54 5.27 8.21 6.53
C PHE A 54 6.77 7.95 6.30
N VAL A 55 7.55 7.94 7.38
CA VAL A 55 8.96 7.63 7.25
C VAL A 55 9.16 6.23 6.68
N SER A 56 8.37 5.25 7.12
CA SER A 56 8.57 3.88 6.63
C SER A 56 8.33 3.82 5.13
N HIS A 57 7.29 4.51 4.67
CA HIS A 57 7.02 4.55 3.23
C HIS A 57 8.16 5.26 2.48
N THR A 58 8.64 6.38 3.04
CA THR A 58 9.70 7.13 2.38
C THR A 58 10.98 6.30 2.29
N ILE A 59 11.32 5.59 3.36
CA ILE A 59 12.50 4.73 3.38
C ILE A 59 12.34 3.56 2.41
N ARG A 60 11.11 3.03 2.24
CA ARG A 60 10.93 1.94 1.27
C ARG A 60 11.09 2.42 -0.17
N ARG A 61 10.86 3.71 -0.44
CA ARG A 61 11.09 4.29 -1.78
C ARG A 61 12.60 4.30 -2.09
N ALA A 62 13.43 4.61 -1.08
CA ALA A 62 14.90 4.60 -1.19
C ALA A 62 15.32 5.58 -2.29
N GLU A 63 16.17 5.15 -3.24
CA GLU A 63 16.64 6.02 -4.32
C GLU A 63 15.51 6.62 -5.15
N LEU A 64 14.32 6.00 -5.14
CA LEU A 64 13.24 6.44 -6.00
C LEU A 64 12.67 7.79 -5.59
N VAL A 65 12.89 8.22 -4.34
CA VAL A 65 12.43 9.54 -3.92
C VAL A 65 13.09 10.62 -4.77
N ASN A 66 14.38 10.44 -5.10
CA ASN A 66 15.12 11.36 -5.97
C ASN A 66 15.01 11.01 -7.45
N LEU A 67 14.47 9.86 -7.81
CA LEU A 67 14.51 9.39 -9.19
C LEU A 67 13.16 9.43 -9.88
N VAL A 68 12.08 9.16 -9.15
CA VAL A 68 10.74 9.08 -9.73
C VAL A 68 9.93 10.26 -9.22
N GLY A 69 9.52 11.12 -10.15
CA GLY A 69 8.70 12.28 -9.85
C GLY A 69 7.23 11.98 -10.01
N LEU A 70 6.46 13.04 -10.28
CA LEU A 70 5.01 12.90 -10.35
C LEU A 70 4.54 12.24 -11.64
N ALA A 71 5.23 12.45 -12.76
CA ALA A 71 4.71 12.06 -14.07
C ALA A 71 5.70 11.24 -14.89
N LYS A 83 17.91 14.23 0.40
CA LYS A 83 18.20 12.98 1.10
C LYS A 83 17.23 12.60 2.22
N LEU A 84 17.20 11.29 2.46
CA LEU A 84 16.20 10.66 3.29
C LEU A 84 16.21 11.16 4.73
N ASP A 85 17.39 11.41 5.30
CA ASP A 85 17.38 11.79 6.71
C ASP A 85 16.85 13.21 6.91
N VAL A 86 17.12 14.09 5.94
CA VAL A 86 16.49 15.42 5.96
C VAL A 86 14.98 15.31 5.79
N LEU A 87 14.53 14.48 4.86
CA LEU A 87 13.09 14.21 4.73
C LEU A 87 12.50 13.65 6.01
N GLY A 88 13.20 12.71 6.67
CA GLY A 88 12.66 12.13 7.88
C GLY A 88 12.50 13.19 8.96
N ASP A 89 13.52 14.06 9.10
CA ASP A 89 13.42 15.14 10.07
C ASP A 89 12.24 16.03 9.76
N GLU A 90 12.03 16.35 8.47
CA GLU A 90 10.93 17.25 8.12
C GLU A 90 9.56 16.62 8.41
N ILE A 91 9.37 15.36 7.97
CA ILE A 91 8.15 14.62 8.26
C ILE A 91 7.87 14.65 9.76
N PHE A 92 8.92 14.44 10.56
CA PHE A 92 8.71 14.35 11.99
C PHE A 92 8.34 15.71 12.60
N ILE A 93 9.04 16.78 12.21
CA ILE A 93 8.73 18.12 12.72
C ILE A 93 7.30 18.51 12.35
N ASN A 94 6.94 18.27 11.08
CA ASN A 94 5.58 18.61 10.64
C ASN A 94 4.53 17.88 11.46
N ALA A 95 4.72 16.56 11.68
CA ALA A 95 3.71 15.81 12.41
C ALA A 95 3.63 16.26 13.87
N MET A 96 4.78 16.50 14.50
CA MET A 96 4.74 16.92 15.89
C MET A 96 4.09 18.28 16.01
N ARG A 97 4.41 19.19 15.08
CA ARG A 97 3.79 20.51 15.15
C ARG A 97 2.29 20.41 14.95
N ALA A 98 1.86 19.58 14.00
CA ALA A 98 0.44 19.49 13.67
C ALA A 98 -0.36 18.85 14.79
N SER A 99 0.29 18.12 15.71
CA SER A 99 -0.46 17.52 16.82
C SER A 99 -1.28 18.55 17.61
N GLY A 100 -0.81 19.79 17.68
CA GLY A 100 -1.48 20.83 18.46
C GLY A 100 -1.14 20.85 19.94
N ILE A 101 -0.51 19.79 20.46
CA ILE A 101 -0.30 19.68 21.93
C ILE A 101 1.15 19.39 22.33
N ILE A 102 2.06 19.21 21.37
CA ILE A 102 3.48 19.08 21.70
C ILE A 102 4.04 20.48 21.67
N LYS A 103 4.47 20.97 22.84
CA LYS A 103 4.98 22.32 22.98
C LYS A 103 6.47 22.41 22.67
N VAL A 104 7.22 21.35 22.97
CA VAL A 104 8.66 21.35 22.95
C VAL A 104 9.15 20.13 22.18
N LEU A 105 10.13 20.34 21.30
CA LEU A 105 10.69 19.25 20.52
C LEU A 105 12.21 19.34 20.46
N VAL A 106 12.89 18.24 20.80
CA VAL A 106 14.30 18.06 20.53
C VAL A 106 14.44 17.04 19.40
N SER A 107 15.21 17.40 18.38
CA SER A 107 15.50 16.48 17.28
C SER A 107 17.01 16.47 17.09
N GLU A 108 17.58 15.29 16.87
CA GLU A 108 19.06 15.14 16.72
C GLU A 108 19.62 16.16 15.73
N GLU A 109 19.02 16.27 14.56
CA GLU A 109 19.60 17.12 13.51
C GLU A 109 19.44 18.61 13.77
N GLN A 110 18.62 19.03 14.74
CA GLN A 110 18.42 20.44 15.04
C GLN A 110 19.30 20.81 16.24
N GLU A 111 20.19 21.79 16.04
CA GLU A 111 21.08 22.19 17.11
C GLU A 111 20.32 22.72 18.33
N ASP A 112 19.16 23.35 18.12
CA ASP A 112 18.49 24.09 19.17
C ASP A 112 17.18 23.41 19.57
N LEU A 113 16.73 23.75 20.78
CA LEU A 113 15.45 23.29 21.29
C LEU A 113 14.33 23.92 20.49
N ILE A 114 13.33 23.13 20.10
CA ILE A 114 12.28 23.61 19.19
C ILE A 114 10.99 23.79 19.99
N VAL A 115 10.36 24.94 19.81
CA VAL A 115 9.14 25.31 20.54
C VAL A 115 8.04 25.59 19.54
N PHE A 116 6.84 25.09 19.83
CA PHE A 116 5.67 25.35 19.01
C PHE A 116 4.73 26.25 19.83
N PRO A 117 4.93 27.57 19.78
CA PRO A 117 4.12 28.46 20.63
C PRO A 117 2.62 28.36 20.37
N THR A 118 2.19 27.89 19.22
CA THR A 118 0.76 27.85 18.96
C THR A 118 0.10 26.59 19.48
N ASN A 119 0.86 25.66 20.02
CA ASN A 119 0.34 24.44 20.61
C ASN A 119 0.12 24.61 22.11
N THR A 120 -0.79 23.80 22.66
CA THR A 120 -0.93 23.71 24.12
C THR A 120 0.33 23.13 24.75
N GLY A 121 0.69 23.65 25.92
CA GLY A 121 1.87 23.20 26.64
C GLY A 121 1.71 21.92 27.44
N SER A 122 1.40 20.83 26.76
CA SER A 122 1.23 19.56 27.46
C SER A 122 2.48 18.67 27.40
N TYR A 123 3.06 18.43 26.23
CA TYR A 123 4.08 17.39 26.07
C TYR A 123 5.32 17.92 25.38
N ALA A 124 6.46 17.30 25.71
CA ALA A 124 7.72 17.49 25.00
C ALA A 124 8.10 16.15 24.38
N VAL A 125 8.63 16.20 23.15
CA VAL A 125 9.08 15.00 22.46
C VAL A 125 10.54 15.19 22.09
N CYS A 126 11.36 14.16 22.34
CA CYS A 126 12.77 14.19 21.97
C CYS A 126 13.01 12.97 21.11
N CYS A 127 13.58 13.16 19.92
CA CYS A 127 13.63 12.04 18.96
C CYS A 127 14.87 12.10 18.08
N ASP A 128 15.22 10.91 17.56
CA ASP A 128 16.18 10.79 16.45
C ASP A 128 15.28 10.26 15.33
N PRO A 129 14.83 11.10 14.37
CA PRO A 129 13.82 10.69 13.35
C PRO A 129 14.28 9.54 12.47
N ILE A 130 15.54 9.51 12.09
CA ILE A 130 16.15 8.33 11.47
C ILE A 130 17.52 8.17 12.10
N ASP A 131 17.65 7.12 12.93
CA ASP A 131 18.91 6.66 13.50
C ASP A 131 19.43 5.49 12.68
N GLY A 132 20.76 5.42 12.56
CA GLY A 132 21.37 4.49 11.64
C GLY A 132 21.47 5.02 10.23
N SER A 133 21.55 6.34 10.08
CA SER A 133 21.62 6.97 8.76
C SER A 133 22.70 6.35 7.88
N SER A 134 23.84 5.99 8.48
CA SER A 134 24.93 5.39 7.71
C SER A 134 24.56 4.08 7.03
N ASN A 135 23.43 3.47 7.38
CA ASN A 135 22.98 2.27 6.71
C ASN A 135 21.95 2.53 5.60
N LEU A 136 21.49 3.78 5.44
CA LEU A 136 20.40 4.04 4.51
C LEU A 136 20.78 3.70 3.08
N ASP A 137 22.00 4.04 2.69
CA ASP A 137 22.46 3.70 1.34
C ASP A 137 22.43 2.18 1.06
N ALA A 138 22.54 1.33 2.10
CA ALA A 138 22.52 -0.13 1.90
C ALA A 138 21.12 -0.73 1.92
N GLY A 139 20.09 0.05 2.24
CA GLY A 139 18.75 -0.47 2.29
C GLY A 139 18.47 -1.44 3.42
N VAL A 140 19.27 -1.42 4.48
CA VAL A 140 19.02 -2.30 5.62
C VAL A 140 18.28 -1.55 6.72
N SER A 141 18.14 -2.20 7.87
CA SER A 141 17.19 -1.73 8.86
C SER A 141 17.70 -0.44 9.50
N VAL A 142 16.78 0.49 9.71
CA VAL A 142 17.07 1.73 10.43
C VAL A 142 15.90 1.95 11.37
N GLY A 143 15.81 3.10 12.05
CA GLY A 143 14.62 3.30 12.87
C GLY A 143 14.51 4.71 13.42
N THR A 144 13.37 4.97 14.05
CA THR A 144 13.09 6.20 14.78
C THR A 144 13.03 5.87 16.27
N ILE A 145 13.63 6.72 17.09
CA ILE A 145 13.58 6.56 18.55
C ILE A 145 13.08 7.85 19.20
N ALA A 146 12.18 7.70 20.21
CA ALA A 146 11.57 8.89 20.81
C ALA A 146 11.29 8.70 22.29
N SER A 147 11.56 9.77 23.06
CA SER A 147 11.14 9.90 24.45
C SER A 147 10.06 10.98 24.54
N ILE A 148 9.16 10.82 25.52
CA ILE A 148 8.06 11.74 25.73
C ILE A 148 8.06 12.18 27.18
N PHE A 149 7.99 13.50 27.40
CA PHE A 149 7.93 14.07 28.74
C PHE A 149 6.67 14.92 28.86
N ARG A 150 6.14 14.98 30.07
CA ARG A 150 5.12 15.95 30.37
C ARG A 150 5.81 17.23 30.80
N LEU A 151 5.37 18.38 30.29
CA LEU A 151 5.98 19.65 30.68
C LEU A 151 5.93 19.85 32.19
N LEU A 152 6.89 20.64 32.70
CA LEU A 152 6.85 20.97 34.11
C LEU A 152 5.61 21.83 34.38
N PRO A 153 5.04 21.76 35.60
CA PRO A 153 3.81 22.48 35.90
C PRO A 153 3.87 23.96 35.50
N ASP A 154 2.92 24.38 34.67
CA ASP A 154 2.77 25.77 34.26
C ASP A 154 3.94 26.27 33.42
N SER A 155 4.68 25.37 32.79
CA SER A 155 5.77 25.79 31.92
C SER A 155 5.23 26.34 30.61
N SER A 156 5.88 27.38 30.11
CA SER A 156 5.65 27.85 28.76
C SER A 156 6.35 26.99 27.71
N GLY A 157 7.25 26.09 28.13
CA GLY A 157 7.97 25.27 27.19
C GLY A 157 9.44 25.66 27.11
N THR A 158 10.27 25.07 27.97
CA THR A 158 11.68 25.45 28.06
C THR A 158 12.56 24.22 28.08
N ILE A 159 13.87 24.47 28.11
CA ILE A 159 14.81 23.36 28.06
C ILE A 159 14.90 22.68 29.42
N ASN A 160 14.27 23.26 30.45
CA ASN A 160 14.04 22.55 31.69
C ASN A 160 13.02 21.42 31.55
N ASP A 161 12.21 21.46 30.50
CA ASP A 161 11.18 20.44 30.32
C ASP A 161 11.76 19.15 29.78
N VAL A 162 13.02 19.14 29.32
CA VAL A 162 13.63 17.95 28.71
C VAL A 162 14.95 17.61 29.39
N LEU A 163 15.67 18.64 29.85
CA LEU A 163 16.94 18.37 30.50
C LEU A 163 16.68 17.81 31.88
N ARG A 164 16.24 16.56 31.93
CA ARG A 164 15.69 15.96 33.12
C ARG A 164 16.25 14.56 33.32
N CYS A 165 16.07 14.08 34.53
CA CYS A 165 16.36 12.69 34.83
C CYS A 165 15.47 11.76 33.97
N GLY A 166 16.06 10.69 33.46
CA GLY A 166 15.34 9.79 32.55
C GLY A 166 14.10 9.17 33.17
N LYS A 167 14.16 8.92 34.46
CA LYS A 167 13.01 8.34 35.19
C LYS A 167 11.77 9.25 35.09
N GLU A 168 11.94 10.50 34.66
CA GLU A 168 10.77 11.34 34.52
C GLU A 168 10.07 11.21 33.16
N MET A 169 10.53 10.38 32.23
CA MET A 169 9.73 10.22 31.00
C MET A 169 8.38 9.58 31.31
N VAL A 170 7.36 10.01 30.58
CA VAL A 170 6.06 9.37 30.75
C VAL A 170 5.88 8.20 29.79
N ALA A 171 6.63 8.17 28.69
CA ALA A 171 6.49 7.12 27.68
C ALA A 171 7.71 7.12 26.78
N ALA A 172 7.90 6.00 26.07
CA ALA A 172 9.03 5.88 25.17
C ALA A 172 8.65 4.89 24.08
N CYS A 173 9.19 5.11 22.87
CA CYS A 173 8.91 4.16 21.80
C CYS A 173 9.98 4.22 20.72
N TYR A 174 9.99 3.18 19.90
CA TYR A 174 10.78 3.25 18.66
C TYR A 174 10.00 2.57 17.55
N ALA A 175 10.35 2.94 16.34
CA ALA A 175 9.88 2.28 15.15
C ALA A 175 11.11 1.73 14.46
N MET A 176 11.08 0.46 14.15
CA MET A 176 12.15 -0.27 13.47
C MET A 176 11.70 -0.51 12.05
N TYR A 177 12.38 0.16 11.09
CA TYR A 177 12.11 0.00 9.66
C TYR A 177 13.07 -1.05 9.10
N GLY A 178 12.62 -2.30 9.08
CA GLY A 178 13.41 -3.33 8.43
C GLY A 178 12.63 -4.00 7.31
N SER A 179 12.77 -5.32 7.14
CA SER A 179 11.98 -6.01 6.13
C SER A 179 10.51 -5.99 6.47
N SER A 180 10.17 -5.71 7.72
CA SER A 180 8.85 -5.28 8.15
C SER A 180 9.02 -4.10 9.09
N THR A 181 7.95 -3.35 9.32
CA THR A 181 8.03 -2.21 10.21
C THR A 181 7.36 -2.57 11.52
N HIS A 182 8.02 -2.22 12.61
CA HIS A 182 7.59 -2.59 13.96
C HIS A 182 7.62 -1.34 14.82
N LEU A 183 6.66 -1.23 15.72
CA LEU A 183 6.58 -0.17 16.72
C LEU A 183 6.59 -0.81 18.09
N VAL A 184 7.53 -0.38 18.93
CA VAL A 184 7.65 -0.95 20.27
C VAL A 184 7.52 0.19 21.27
N LEU A 185 6.70 -0.02 22.30
CA LEU A 185 6.18 1.09 23.08
C LEU A 185 6.09 0.74 24.56
N THR A 186 6.36 1.72 25.43
CA THR A 186 5.98 1.61 26.83
C THR A 186 5.34 2.90 27.28
N LEU A 187 4.29 2.72 28.10
CA LEU A 187 3.60 3.79 28.82
C LEU A 187 3.92 3.72 30.30
N GLY A 188 4.95 2.97 30.68
CA GLY A 188 5.31 2.85 32.07
C GLY A 188 4.82 1.62 32.77
N ASP A 189 4.23 0.66 32.05
CA ASP A 189 3.83 -0.63 32.66
C ASP A 189 4.03 -1.76 31.65
N GLY A 190 5.29 -2.13 31.41
CA GLY A 190 5.58 -3.15 30.42
C GLY A 190 5.69 -2.57 29.02
N VAL A 191 5.90 -3.46 28.07
CA VAL A 191 6.23 -3.11 26.69
C VAL A 191 5.30 -3.87 25.74
N ASP A 192 4.89 -3.22 24.67
CA ASP A 192 4.05 -3.86 23.68
C ASP A 192 4.59 -3.56 22.30
N GLY A 193 4.64 -4.58 21.45
CA GLY A 193 5.18 -4.46 20.10
C GLY A 193 4.05 -4.63 19.10
N PHE A 194 4.10 -3.83 18.03
CA PHE A 194 3.10 -3.76 16.98
C PHE A 194 3.79 -3.92 15.63
N THR A 195 3.07 -4.53 14.69
CA THR A 195 3.58 -4.71 13.34
C THR A 195 2.71 -3.87 12.41
N LEU A 196 3.33 -3.13 11.49
CA LEU A 196 2.58 -2.28 10.58
C LEU A 196 1.95 -3.13 9.48
N ASP A 197 0.62 -3.02 9.35
CA ASP A 197 -0.12 -3.67 8.27
C ASP A 197 -0.19 -2.68 7.12
N THR A 198 0.54 -2.93 6.05
CA THR A 198 0.56 -2.01 4.91
C THR A 198 -0.73 -2.02 4.10
N ASN A 199 -1.50 -3.11 4.13
CA ASN A 199 -2.77 -3.10 3.42
C ASN A 199 -3.74 -2.13 4.07
N LEU A 200 -3.60 -1.93 5.38
CA LEU A 200 -4.52 -1.09 6.12
C LEU A 200 -3.90 0.20 6.64
N GLY A 201 -2.59 0.31 6.67
CA GLY A 201 -1.98 1.44 7.36
C GLY A 201 -2.35 1.43 8.83
N GLU A 202 -2.25 0.28 9.50
CA GLU A 202 -2.57 0.19 10.91
C GLU A 202 -1.48 -0.61 11.60
N PHE A 203 -1.00 -0.09 12.75
CA PHE A 203 -0.16 -0.87 13.64
C PHE A 203 -1.04 -1.83 14.42
N ILE A 204 -0.73 -3.12 14.33
CA ILE A 204 -1.51 -4.20 14.94
C ILE A 204 -0.67 -4.83 16.05
N LEU A 205 -1.29 -5.04 17.20
CA LEU A 205 -0.62 -5.61 18.36
C LEU A 205 -0.23 -7.05 18.05
N THR A 206 1.08 -7.30 18.01
CA THR A 206 1.58 -8.64 17.72
C THR A 206 2.46 -9.20 18.82
N HIS A 207 3.06 -8.38 19.70
CA HIS A 207 3.90 -8.86 20.80
C HIS A 207 3.43 -8.20 22.08
N PRO A 208 2.31 -8.65 22.65
CA PRO A 208 1.85 -8.05 23.91
C PRO A 208 2.76 -8.44 25.06
N ASN A 209 2.97 -7.51 25.97
CA ASN A 209 3.71 -7.75 27.20
C ASN A 209 5.04 -8.44 26.91
N LEU A 210 5.79 -7.82 26.00
CA LEU A 210 7.08 -8.31 25.56
C LEU A 210 8.05 -8.37 26.74
N ARG A 211 8.66 -9.54 26.93
CA ARG A 211 9.64 -9.75 27.98
C ARG A 211 10.94 -10.18 27.32
N ILE A 212 12.04 -9.47 27.60
CA ILE A 212 13.33 -9.91 27.09
C ILE A 212 13.87 -11.04 27.96
N PRO A 213 14.31 -12.17 27.39
CA PRO A 213 14.88 -13.28 28.17
C PRO A 213 15.97 -12.80 29.11
N PRO A 214 16.05 -13.31 30.34
CA PRO A 214 17.15 -12.90 31.23
C PRO A 214 18.51 -13.45 30.81
N GLN A 215 18.55 -14.47 29.98
CA GLN A 215 19.82 -15.12 29.64
C GLN A 215 19.82 -15.42 28.15
N LYS A 216 20.88 -15.01 27.45
CA LYS A 216 20.98 -15.28 26.01
C LYS A 216 22.35 -14.89 25.48
N ALA A 217 23.02 -15.81 24.77
CA ALA A 217 24.43 -15.64 24.42
C ALA A 217 24.59 -15.01 23.04
N ILE A 218 24.17 -13.74 22.96
CA ILE A 218 24.36 -12.93 21.76
C ILE A 218 24.92 -11.60 22.21
N TYR A 219 25.94 -11.10 21.53
CA TYR A 219 26.42 -9.77 21.84
C TYR A 219 26.53 -8.94 20.57
N SER A 220 26.23 -7.66 20.72
CA SER A 220 26.13 -6.74 19.60
C SER A 220 27.00 -5.53 19.91
N ILE A 221 28.14 -5.41 19.22
CA ILE A 221 29.11 -4.33 19.47
C ILE A 221 30.00 -4.21 18.23
N ASN A 222 30.53 -3.00 17.99
CA ASN A 222 31.42 -2.75 16.85
C ASN A 222 32.85 -3.09 17.28
N GLU A 223 33.28 -4.31 16.98
CA GLU A 223 34.61 -4.69 17.45
C GLU A 223 35.70 -3.99 16.66
N GLY A 224 35.33 -3.26 15.60
CA GLY A 224 36.31 -2.40 14.97
C GLY A 224 36.90 -1.37 15.92
N ASN A 225 36.21 -1.09 17.01
CA ASN A 225 36.62 -0.08 17.98
C ASN A 225 37.45 -0.67 19.11
N THR A 226 37.82 -1.96 19.01
CA THR A 226 38.56 -2.61 20.09
C THR A 226 39.81 -1.81 20.51
N LEU A 227 40.48 -1.19 19.54
CA LEU A 227 41.70 -0.43 19.82
C LEU A 227 41.43 0.71 20.79
N TYR A 228 40.25 1.31 20.71
CA TYR A 228 39.96 2.55 21.45
C TYR A 228 39.34 2.31 22.81
N TRP A 229 39.00 1.06 23.16
CA TRP A 229 38.42 0.77 24.47
C TRP A 229 39.53 0.61 25.50
N ASN A 230 39.20 0.88 26.76
CA ASN A 230 40.15 0.58 27.82
C ASN A 230 40.20 -0.92 28.05
N GLU A 231 41.00 -1.35 29.03
CA GLU A 231 41.28 -2.77 29.24
C GLU A 231 40.07 -3.50 29.83
N THR A 232 39.26 -2.85 30.67
CA THR A 232 38.12 -3.54 31.26
C THR A 232 37.09 -3.93 30.19
N ILE A 233 36.78 -3.00 29.27
CA ILE A 233 35.86 -3.30 28.18
C ILE A 233 36.43 -4.40 27.30
N ARG A 234 37.70 -4.24 26.88
CA ARG A 234 38.33 -5.22 25.99
C ARG A 234 38.27 -6.63 26.57
N THR A 235 38.65 -6.78 27.85
CA THR A 235 38.62 -8.12 28.43
C THR A 235 37.20 -8.66 28.56
N PHE A 236 36.19 -7.80 28.75
CA PHE A 236 34.83 -8.36 28.78
C PHE A 236 34.47 -8.96 27.42
N ILE A 237 34.79 -8.24 26.36
CA ILE A 237 34.43 -8.76 25.04
C ILE A 237 35.23 -10.02 24.74
N GLU A 238 36.46 -10.11 25.24
CA GLU A 238 37.19 -11.38 25.14
C GLU A 238 36.47 -12.50 25.88
N LYS A 239 35.93 -12.20 27.07
CA LYS A 239 35.20 -13.23 27.82
C LYS A 239 34.01 -13.79 27.04
N VAL A 240 33.20 -12.92 26.40
CA VAL A 240 32.01 -13.45 25.74
C VAL A 240 32.35 -14.37 24.57
N LYS A 241 33.58 -14.30 24.05
CA LYS A 241 34.01 -15.18 22.96
C LYS A 241 34.58 -16.48 23.48
N GLN A 242 34.67 -16.65 24.77
CA GLN A 242 35.15 -17.91 25.31
C GLN A 242 33.97 -18.82 25.63
N PRO A 243 34.20 -20.13 25.78
CA PRO A 243 33.11 -21.05 26.10
C PRO A 243 32.41 -20.62 27.38
N GLN A 244 31.08 -20.68 27.37
CA GLN A 244 30.29 -20.45 28.57
C GLN A 244 29.67 -21.78 28.99
N ALA A 245 29.95 -22.19 30.23
CA ALA A 245 29.18 -23.27 30.83
C ALA A 245 27.69 -22.92 30.86
N ASP A 246 27.38 -21.62 30.82
CA ASP A 246 26.04 -21.04 30.80
C ASP A 246 25.33 -21.20 29.46
N ASN A 247 26.00 -21.82 28.48
CA ASN A 247 25.49 -21.95 27.08
C ASN A 247 26.04 -23.26 26.53
N ASN A 248 26.31 -24.23 27.39
CA ASN A 248 26.75 -25.58 27.03
C ASN A 248 28.11 -25.54 26.32
N ASN A 249 29.05 -24.83 26.95
CA ASN A 249 30.42 -24.59 26.47
C ASN A 249 30.47 -24.11 25.03
N LYS A 250 29.59 -23.15 24.72
CA LYS A 250 29.61 -22.45 23.45
C LYS A 250 29.90 -20.98 23.73
N PRO A 251 30.63 -20.31 22.85
CA PRO A 251 30.80 -18.85 22.97
C PRO A 251 29.49 -18.14 22.65
N PHE A 252 29.44 -16.83 22.93
CA PHE A 252 28.38 -15.97 22.41
C PHE A 252 28.43 -15.93 20.89
N SER A 253 27.26 -15.73 20.27
CA SER A 253 27.16 -15.37 18.86
C SER A 253 27.16 -13.84 18.73
N ALA A 254 27.73 -13.35 17.63
CA ALA A 254 27.87 -11.92 17.41
C ALA A 254 26.93 -11.45 16.30
N ARG A 255 26.28 -10.32 16.52
CA ARG A 255 25.46 -9.68 15.49
C ARG A 255 25.59 -8.17 15.66
N TYR A 256 25.75 -7.44 14.55
CA TYR A 256 25.84 -5.99 14.68
C TYR A 256 25.45 -5.37 13.34
N VAL A 257 24.15 -5.07 13.19
CA VAL A 257 23.66 -4.39 11.99
C VAL A 257 24.34 -3.04 11.82
N GLY A 258 24.68 -2.35 12.91
CA GLY A 258 25.18 -1.00 12.79
C GLY A 258 24.10 0.06 12.79
N SER A 259 22.82 -0.33 12.90
CA SER A 259 21.74 0.59 13.22
C SER A 259 21.31 0.22 14.62
N MET A 260 21.51 1.13 15.57
CA MET A 260 21.20 0.85 16.97
C MET A 260 19.76 0.37 17.18
N VAL A 261 18.79 0.99 16.50
CA VAL A 261 17.40 0.57 16.73
C VAL A 261 17.20 -0.88 16.30
N ALA A 262 17.82 -1.29 15.18
CA ALA A 262 17.67 -2.67 14.70
C ALA A 262 18.35 -3.70 15.62
N ASP A 263 19.58 -3.41 16.07
CA ASP A 263 20.26 -4.31 16.98
C ASP A 263 19.55 -4.40 18.34
N VAL A 264 19.09 -3.27 18.86
CA VAL A 264 18.38 -3.29 20.13
C VAL A 264 17.03 -4.00 19.98
N HIS A 265 16.32 -3.79 18.86
CA HIS A 265 15.07 -4.52 18.60
C HIS A 265 15.28 -6.03 18.62
N ARG A 266 16.31 -6.49 17.90
CA ARG A 266 16.67 -7.90 18.00
C ARG A 266 16.94 -8.27 19.44
N THR A 267 17.63 -7.41 20.19
CA THR A 267 17.92 -7.76 21.57
C THR A 267 16.64 -7.95 22.38
N PHE A 268 15.66 -7.05 22.21
CA PHE A 268 14.38 -7.19 22.90
C PHE A 268 13.76 -8.54 22.60
N LEU A 269 13.78 -8.93 21.34
CA LEU A 269 13.02 -10.10 20.90
C LEU A 269 13.76 -11.41 21.09
N TYR A 270 15.09 -11.42 21.01
CA TYR A 270 15.84 -12.66 21.19
C TYR A 270 16.55 -12.75 22.52
N GLY A 271 16.81 -11.61 23.18
CA GLY A 271 17.76 -11.59 24.27
C GLY A 271 19.16 -11.28 23.76
N GLY A 272 20.05 -10.96 24.71
CA GLY A 272 21.45 -10.75 24.44
C GLY A 272 21.93 -9.44 25.02
N LEU A 273 23.01 -8.91 24.44
CA LEU A 273 23.62 -7.67 24.90
C LEU A 273 23.80 -6.74 23.71
N PHE A 274 23.52 -5.45 23.90
CA PHE A 274 23.97 -4.42 22.95
C PHE A 274 24.87 -3.45 23.71
N ALA A 275 25.94 -3.01 23.05
CA ALA A 275 26.83 -2.05 23.71
C ALA A 275 27.37 -1.05 22.71
N TYR A 276 27.48 0.19 23.17
CA TYR A 276 28.33 1.18 22.54
C TYR A 276 29.07 1.91 23.65
N PRO A 277 30.26 1.45 24.00
CA PRO A 277 30.97 2.01 25.15
C PRO A 277 31.70 3.30 24.79
N CYS A 278 32.15 3.98 25.84
CA CYS A 278 33.16 5.03 25.65
C CYS A 278 34.38 4.42 24.97
N ASP A 279 35.02 5.22 24.11
CA ASP A 279 36.33 4.86 23.60
C ASP A 279 37.10 6.15 23.35
N LYS A 280 38.40 6.03 23.07
CA LYS A 280 39.24 7.22 22.96
C LYS A 280 38.73 8.19 21.90
N LYS A 281 38.11 7.68 20.84
CA LYS A 281 37.57 8.57 19.81
C LYS A 281 36.19 9.09 20.16
N SER A 282 35.47 8.41 21.05
CA SER A 282 34.14 8.82 21.49
C SER A 282 34.09 8.71 23.01
N PRO A 283 34.71 9.65 23.71
CA PRO A 283 34.90 9.50 25.16
C PRO A 283 33.61 9.41 25.94
N ASN A 284 32.50 9.86 25.36
CA ASN A 284 31.19 9.75 25.98
C ASN A 284 30.25 8.82 25.23
N GLY A 285 30.81 7.90 24.43
CA GLY A 285 29.98 7.01 23.63
C GLY A 285 29.36 7.77 22.48
N LYS A 286 28.40 7.11 21.82
CA LYS A 286 27.73 7.71 20.67
C LYS A 286 26.23 7.89 20.79
N LEU A 287 25.51 7.04 21.53
CA LEU A 287 24.07 7.25 21.67
C LEU A 287 23.84 8.60 22.34
N ARG A 288 22.77 9.27 21.94
CA ARG A 288 22.39 10.50 22.61
C ARG A 288 21.55 10.15 23.84
N LEU A 289 21.93 10.71 24.98
CA LEU A 289 21.25 10.36 26.23
C LEU A 289 19.77 10.67 26.15
N LEU A 290 19.42 11.85 25.65
CA LEU A 290 18.06 12.33 25.86
C LEU A 290 17.05 11.52 25.07
N TYR A 291 17.32 11.33 23.78
CA TYR A 291 16.37 10.71 22.84
C TYR A 291 16.83 9.36 22.30
N GLU A 292 17.89 8.77 22.84
CA GLU A 292 18.33 7.43 22.36
C GLU A 292 18.55 6.51 23.56
N ALA A 293 19.53 6.82 24.41
CA ALA A 293 19.80 5.99 25.60
C ALA A 293 18.61 6.01 26.57
N PHE A 294 18.06 7.19 26.84
CA PHE A 294 16.91 7.23 27.75
C PHE A 294 15.75 6.36 27.27
N PRO A 295 15.18 6.59 26.09
CA PRO A 295 13.99 5.78 25.71
C PRO A 295 14.29 4.30 25.59
N MET A 296 15.47 3.94 25.07
CA MET A 296 15.81 2.53 24.97
C MET A 296 15.95 1.92 26.36
N ALA A 297 16.48 2.68 27.32
CA ALA A 297 16.66 2.18 28.68
C ALA A 297 15.32 2.00 29.38
N PHE A 298 14.39 2.93 29.16
CA PHE A 298 13.05 2.82 29.73
C PHE A 298 12.34 1.59 29.16
N LEU A 299 12.43 1.40 27.84
CA LEU A 299 11.82 0.21 27.25
C LEU A 299 12.49 -1.06 27.78
N MET A 300 13.82 -1.03 27.92
CA MET A 300 14.54 -2.22 28.34
C MET A 300 14.17 -2.62 29.77
N GLU A 301 14.17 -1.65 30.70
CA GLU A 301 13.78 -1.96 32.07
C GLU A 301 12.33 -2.45 32.11
N GLN A 302 11.44 -1.82 31.34
CA GLN A 302 10.04 -2.24 31.34
C GLN A 302 9.83 -3.62 30.71
N ALA A 303 10.74 -4.08 29.87
CA ALA A 303 10.67 -5.45 29.33
C ALA A 303 11.35 -6.49 30.24
N GLY A 304 11.95 -6.08 31.35
CA GLY A 304 12.64 -6.99 32.23
C GLY A 304 14.16 -7.02 32.07
N GLY A 305 14.74 -6.18 31.21
CA GLY A 305 16.18 -6.11 31.06
C GLY A 305 16.82 -5.03 31.92
N LYS A 306 18.07 -4.72 31.60
CA LYS A 306 18.82 -3.69 32.30
C LYS A 306 19.54 -2.82 31.29
N ALA A 307 19.88 -1.60 31.72
CA ALA A 307 20.57 -0.63 30.87
C ALA A 307 21.43 0.26 31.76
N VAL A 308 22.75 0.22 31.54
CA VAL A 308 23.72 0.94 32.37
C VAL A 308 24.74 1.58 31.42
N ASN A 309 25.58 2.45 31.97
CA ASN A 309 26.71 2.95 31.20
C ASN A 309 27.96 2.12 31.52
N ASP A 310 29.10 2.49 30.91
CA ASP A 310 30.35 1.76 31.12
C ASP A 310 30.70 1.60 32.60
N ARG A 311 30.39 2.59 33.42
CA ARG A 311 30.66 2.55 34.85
C ARG A 311 29.62 1.76 35.63
N GLY A 312 28.57 1.25 34.99
CA GLY A 312 27.56 0.50 35.71
C GLY A 312 26.46 1.36 36.32
N GLU A 313 26.45 2.65 36.00
CA GLU A 313 25.39 3.51 36.51
C GLU A 313 24.12 3.31 35.70
N ARG A 314 22.98 3.31 36.39
CA ARG A 314 21.67 3.18 35.76
C ARG A 314 21.44 4.31 34.76
N ILE A 315 21.15 3.96 33.50
CA ILE A 315 21.02 5.01 32.47
C ILE A 315 19.93 6.00 32.86
N LEU A 316 18.81 5.51 33.40
CA LEU A 316 17.69 6.39 33.72
C LEU A 316 17.95 7.26 34.94
N ASP A 317 19.02 7.00 35.70
CA ASP A 317 19.38 7.88 36.81
C ASP A 317 20.16 9.11 36.33
N LEU A 318 20.63 9.10 35.09
CA LEU A 318 21.49 10.15 34.57
C LEU A 318 20.66 11.39 34.22
N VAL A 319 21.33 12.55 34.14
CA VAL A 319 20.69 13.80 33.76
C VAL A 319 21.53 14.43 32.67
N PRO A 320 20.96 14.74 31.49
CA PRO A 320 21.78 15.37 30.44
C PRO A 320 22.08 16.82 30.80
N SER A 321 23.31 17.26 30.53
CA SER A 321 23.60 18.67 30.79
C SER A 321 23.28 19.54 29.57
N HIS A 322 23.30 18.97 28.37
CA HIS A 322 22.70 19.63 27.22
C HIS A 322 21.91 18.62 26.42
N ILE A 323 20.99 19.12 25.59
CA ILE A 323 20.01 18.27 24.92
C ILE A 323 20.67 17.22 24.05
N HIS A 324 21.88 17.48 23.55
CA HIS A 324 22.54 16.50 22.69
C HIS A 324 23.69 15.77 23.40
N ASP A 325 23.72 15.76 24.75
CA ASP A 325 24.69 14.94 25.50
C ASP A 325 24.70 13.49 24.99
N LYS A 326 25.86 12.85 25.07
CA LYS A 326 26.03 11.44 24.73
C LYS A 326 26.30 10.62 25.99
N SER A 327 26.07 9.31 25.89
CA SER A 327 26.36 8.40 26.98
C SER A 327 26.78 7.05 26.41
N SER A 328 27.72 6.40 27.08
CA SER A 328 28.00 5.00 26.81
C SER A 328 26.79 4.17 27.22
N ILE A 329 26.61 3.00 26.60
CA ILE A 329 25.49 2.15 27.04
C ILE A 329 25.84 0.67 26.89
N TRP A 330 25.35 -0.12 27.86
CA TRP A 330 25.25 -1.57 27.82
C TRP A 330 23.82 -1.88 28.20
N LEU A 331 23.08 -2.58 27.33
CA LEU A 331 21.71 -2.90 27.69
C LEU A 331 21.33 -4.26 27.15
N GLY A 332 20.39 -4.89 27.81
CA GLY A 332 19.87 -6.15 27.31
C GLY A 332 19.43 -7.07 28.45
N SER A 333 19.51 -8.37 28.16
CA SER A 333 19.08 -9.41 29.10
C SER A 333 19.65 -9.15 30.48
N SER A 334 18.81 -9.26 31.53
CA SER A 334 19.24 -8.84 32.87
C SER A 334 20.43 -9.65 33.37
N GLY A 335 20.48 -10.95 33.04
CA GLY A 335 21.57 -11.79 33.51
C GLY A 335 22.89 -11.52 32.79
N GLU A 336 22.81 -11.14 31.52
CA GLU A 336 24.02 -10.76 30.80
C GLU A 336 24.56 -9.42 31.27
N ILE A 337 23.67 -8.48 31.60
CA ILE A 337 24.14 -7.22 32.18
C ILE A 337 24.70 -7.46 33.58
N ASP A 338 24.09 -8.36 34.35
CA ASP A 338 24.67 -8.69 35.66
C ASP A 338 26.10 -9.22 35.51
N LYS A 339 26.34 -10.02 34.48
CA LYS A 339 27.71 -10.47 34.22
C LYS A 339 28.64 -9.30 33.93
N PHE A 340 28.18 -8.35 33.10
CA PHE A 340 29.03 -7.19 32.82
C PHE A 340 29.31 -6.41 34.11
N LEU A 341 28.30 -6.27 34.96
CA LEU A 341 28.47 -5.54 36.21
C LEU A 341 29.46 -6.26 37.12
N ASP A 342 29.34 -7.59 37.25
CA ASP A 342 30.34 -8.39 37.96
C ASP A 342 31.74 -8.13 37.43
N HIS A 343 31.90 -8.19 36.10
CA HIS A 343 33.21 -7.98 35.48
C HIS A 343 33.80 -6.63 35.85
N ILE A 344 33.02 -5.55 35.74
CA ILE A 344 33.61 -4.24 36.01
C ILE A 344 33.83 -4.05 37.50
N GLY A 345 33.06 -4.73 38.35
CA GLY A 345 33.32 -4.69 39.77
C GLY A 345 34.65 -5.34 40.13
N LYS A 346 34.90 -6.54 39.58
CA LYS A 346 36.16 -7.22 39.84
C LYS A 346 37.35 -6.43 39.29
N SER A 347 37.24 -6.01 38.03
CA SER A 347 38.33 -5.29 37.34
C SER A 347 38.77 -4.02 38.06
N GLN A 348 37.99 -3.53 39.01
CA GLN A 348 38.39 -2.40 39.84
C GLN A 348 39.31 -2.86 40.99
N ASP B 19 15.48 8.45 -18.31
CA ASP B 19 14.26 7.64 -18.34
C ASP B 19 14.16 6.65 -17.17
N ILE B 20 12.93 6.32 -16.80
CA ILE B 20 12.66 5.21 -15.89
C ILE B 20 12.76 3.90 -16.66
N ILE B 21 13.68 3.04 -16.25
CA ILE B 21 13.91 1.74 -16.86
C ILE B 21 13.43 0.68 -15.88
N THR B 22 12.35 0.00 -16.22
CA THR B 22 11.89 -1.14 -15.44
C THR B 22 12.66 -2.41 -15.80
N LEU B 23 12.59 -3.39 -14.91
CA LEU B 23 13.22 -4.68 -15.18
C LEU B 23 12.63 -5.43 -16.39
N PRO B 24 11.32 -5.40 -16.65
CA PRO B 24 10.85 -6.04 -17.89
C PRO B 24 11.48 -5.43 -19.12
N ARG B 25 11.42 -4.10 -19.25
CA ARG B 25 12.13 -3.43 -20.34
C ARG B 25 13.59 -3.88 -20.41
N PHE B 26 14.25 -3.95 -19.27
CA PHE B 26 15.66 -4.32 -19.22
C PHE B 26 15.89 -5.72 -19.78
N ILE B 27 15.06 -6.69 -19.38
CA ILE B 27 15.34 -8.06 -19.78
C ILE B 27 14.92 -8.32 -21.22
N ILE B 28 13.88 -7.63 -21.75
CA ILE B 28 13.63 -7.76 -23.18
C ILE B 28 14.65 -6.95 -24.00
N GLU B 29 15.02 -5.75 -23.58
CA GLU B 29 16.08 -5.04 -24.29
C GLU B 29 17.40 -5.78 -24.30
N HIS B 30 17.54 -6.84 -23.50
CA HIS B 30 18.72 -7.70 -23.51
C HIS B 30 18.50 -8.93 -24.38
N PHE B 41 14.02 -17.70 -21.37
CA PHE B 41 15.01 -17.15 -20.45
C PHE B 41 14.52 -15.84 -19.87
N THR B 42 14.05 -14.96 -20.77
CA THR B 42 13.24 -13.84 -20.34
C THR B 42 12.14 -14.33 -19.41
N LEU B 43 11.52 -15.46 -19.75
CA LEU B 43 10.50 -16.01 -18.88
C LEU B 43 11.07 -16.40 -17.53
N VAL B 44 12.33 -16.84 -17.48
CA VAL B 44 12.94 -17.22 -16.21
C VAL B 44 13.12 -15.99 -15.33
N LEU B 45 13.66 -14.92 -15.91
CA LEU B 45 13.83 -13.68 -15.15
C LEU B 45 12.50 -13.13 -14.68
N ASN B 46 11.45 -13.27 -15.51
CA ASN B 46 10.15 -12.76 -15.08
C ASN B 46 9.57 -13.59 -13.94
N ALA B 47 9.71 -14.92 -14.02
CA ALA B 47 9.27 -15.75 -12.89
C ALA B 47 10.01 -15.36 -11.62
N LEU B 48 11.32 -15.13 -11.74
CA LEU B 48 12.12 -14.75 -10.58
C LEU B 48 11.65 -13.44 -9.98
N GLN B 49 11.50 -12.40 -10.80
CA GLN B 49 11.13 -11.11 -10.23
C GLN B 49 9.72 -11.13 -9.66
N PHE B 50 8.81 -11.91 -10.26
CA PHE B 50 7.50 -12.10 -9.66
C PHE B 50 7.64 -12.71 -8.27
N ALA B 51 8.41 -13.81 -8.18
CA ALA B 51 8.62 -14.47 -6.89
C ALA B 51 9.18 -13.51 -5.86
N PHE B 52 10.12 -12.67 -6.29
CA PHE B 52 10.77 -11.73 -5.38
C PHE B 52 9.76 -10.72 -4.85
N LYS B 53 8.91 -10.17 -5.72
CA LYS B 53 7.88 -9.25 -5.25
C LYS B 53 6.92 -9.94 -4.28
N PHE B 54 6.57 -11.19 -4.56
CA PHE B 54 5.61 -11.87 -3.71
C PHE B 54 6.23 -12.21 -2.34
N VAL B 55 7.47 -12.69 -2.35
CA VAL B 55 8.18 -12.94 -1.09
C VAL B 55 8.38 -11.64 -0.31
N SER B 56 8.70 -10.54 -1.00
CA SER B 56 8.92 -9.26 -0.32
C SER B 56 7.67 -8.79 0.40
N HIS B 57 6.54 -8.83 -0.30
CA HIS B 57 5.27 -8.47 0.35
C HIS B 57 4.98 -9.36 1.57
N THR B 58 5.21 -10.67 1.41
CA THR B 58 4.91 -11.63 2.47
C THR B 58 5.76 -11.36 3.69
N ILE B 59 7.07 -11.18 3.50
CA ILE B 59 7.98 -10.89 4.60
C ILE B 59 7.58 -9.59 5.29
N ARG B 60 7.09 -8.60 4.50
CA ARG B 60 6.62 -7.34 5.07
C ARG B 60 5.37 -7.51 5.92
N ARG B 61 4.57 -8.55 5.68
CA ARG B 61 3.47 -8.78 6.60
C ARG B 61 3.95 -9.38 7.92
N ALA B 62 5.08 -10.12 7.93
CA ALA B 62 5.70 -10.69 9.15
C ALA B 62 4.61 -11.44 9.94
N GLU B 63 4.43 -11.15 11.24
CA GLU B 63 3.50 -11.92 12.08
C GLU B 63 2.05 -11.82 11.61
N LEU B 64 1.72 -10.81 10.83
CA LEU B 64 0.34 -10.62 10.39
C LEU B 64 -0.11 -11.74 9.47
N VAL B 65 0.83 -12.42 8.81
CA VAL B 65 0.50 -13.56 7.96
C VAL B 65 -0.29 -14.58 8.76
N ASN B 66 0.00 -14.74 10.04
CA ASN B 66 -0.68 -15.79 10.82
C ASN B 66 -1.79 -15.21 11.72
N LEU B 67 -1.88 -13.89 11.87
CA LEU B 67 -2.84 -13.29 12.85
C LEU B 67 -4.05 -12.64 12.17
N VAL B 68 -3.92 -12.23 10.92
CA VAL B 68 -4.94 -11.45 10.23
C VAL B 68 -5.49 -12.32 9.09
N GLY B 69 -6.79 -12.56 9.08
CA GLY B 69 -7.44 -13.27 8.00
C GLY B 69 -8.09 -12.32 7.03
N LEU B 70 -8.88 -12.91 6.13
CA LEU B 70 -9.62 -12.17 5.09
C LEU B 70 -10.64 -11.24 5.75
N ALA B 71 -11.04 -11.51 6.99
CA ALA B 71 -12.08 -10.66 7.59
C ALA B 71 -11.65 -10.04 8.92
N GLY B 72 -10.41 -10.22 9.34
CA GLY B 72 -10.00 -9.89 10.69
C GLY B 72 -9.19 -11.02 11.27
N LYS B 83 6.98 -20.71 9.82
CA LYS B 83 6.02 -20.69 8.72
C LYS B 83 6.38 -19.71 7.62
N LEU B 84 6.98 -18.56 7.98
CA LEU B 84 7.36 -17.58 6.97
C LEU B 84 8.41 -18.13 6.00
N ASP B 85 9.42 -18.83 6.51
CA ASP B 85 10.39 -19.46 5.62
C ASP B 85 9.73 -20.53 4.75
N VAL B 86 8.76 -21.25 5.32
CA VAL B 86 8.01 -22.26 4.58
C VAL B 86 7.17 -21.59 3.49
N LEU B 87 6.51 -20.47 3.82
CA LEU B 87 5.76 -19.74 2.81
C LEU B 87 6.66 -19.26 1.68
N GLY B 88 7.84 -18.73 2.03
CA GLY B 88 8.75 -18.24 0.99
C GLY B 88 9.21 -19.34 0.06
N ASP B 89 9.51 -20.52 0.63
CA ASP B 89 9.85 -21.67 -0.21
C ASP B 89 8.70 -22.02 -1.14
N GLU B 90 7.48 -22.11 -0.59
CA GLU B 90 6.34 -22.49 -1.44
C GLU B 90 6.11 -21.47 -2.54
N ILE B 91 6.23 -20.18 -2.23
CA ILE B 91 6.05 -19.12 -3.23
C ILE B 91 7.04 -19.30 -4.36
N PHE B 92 8.32 -19.47 -4.01
CA PHE B 92 9.37 -19.60 -5.02
C PHE B 92 9.17 -20.87 -5.86
N ILE B 93 8.96 -22.01 -5.20
CA ILE B 93 8.78 -23.26 -5.95
C ILE B 93 7.57 -23.18 -6.86
N ASN B 94 6.45 -22.62 -6.37
CA ASN B 94 5.26 -22.52 -7.20
C ASN B 94 5.52 -21.66 -8.43
N ALA B 95 6.17 -20.51 -8.24
CA ALA B 95 6.46 -19.65 -9.40
C ALA B 95 7.38 -20.35 -10.39
N MET B 96 8.35 -21.11 -9.87
CA MET B 96 9.27 -21.79 -10.78
C MET B 96 8.56 -22.89 -11.56
N ARG B 97 7.70 -23.66 -10.89
CA ARG B 97 6.92 -24.69 -11.57
C ARG B 97 5.99 -24.07 -12.60
N ALA B 98 5.34 -22.95 -12.26
CA ALA B 98 4.38 -22.31 -13.14
C ALA B 98 5.04 -21.60 -14.32
N SER B 99 6.34 -21.32 -14.24
CA SER B 99 7.03 -20.72 -15.38
C SER B 99 6.95 -21.59 -16.63
N GLY B 100 6.92 -22.91 -16.48
CA GLY B 100 6.92 -23.82 -17.62
C GLY B 100 8.30 -24.16 -18.16
N ILE B 101 9.18 -23.16 -18.16
CA ILE B 101 10.56 -23.27 -18.63
C ILE B 101 11.53 -23.98 -17.67
N ILE B 102 11.24 -24.10 -16.38
CA ILE B 102 12.23 -24.67 -15.46
C ILE B 102 11.94 -26.16 -15.30
N LYS B 103 12.89 -26.99 -15.73
CA LYS B 103 12.73 -28.44 -15.60
C LYS B 103 13.23 -28.96 -14.24
N VAL B 104 14.29 -28.35 -13.70
CA VAL B 104 14.91 -28.85 -12.47
C VAL B 104 15.29 -27.69 -11.53
N LEU B 105 15.07 -27.94 -10.25
CA LEU B 105 15.29 -26.93 -9.20
C LEU B 105 16.02 -27.47 -7.96
N VAL B 106 17.01 -26.72 -7.50
CA VAL B 106 17.62 -26.98 -6.20
C VAL B 106 17.09 -25.92 -5.23
N SER B 107 16.56 -26.37 -4.10
CA SER B 107 16.08 -25.46 -3.08
C SER B 107 16.67 -25.86 -1.74
N GLU B 108 17.16 -24.88 -0.99
CA GLU B 108 17.88 -25.14 0.29
C GLU B 108 16.99 -25.96 1.21
N GLU B 109 15.70 -25.73 1.16
CA GLU B 109 14.78 -26.45 2.04
C GLU B 109 14.21 -27.72 1.42
N GLN B 110 14.80 -28.23 0.34
CA GLN B 110 14.40 -29.50 -0.25
C GLN B 110 15.63 -30.41 -0.30
N GLU B 111 15.56 -31.55 0.37
CA GLU B 111 16.73 -32.42 0.46
C GLU B 111 17.08 -33.00 -0.90
N ASP B 112 16.09 -33.56 -1.58
CA ASP B 112 16.31 -34.20 -2.87
C ASP B 112 16.06 -33.21 -4.00
N LEU B 113 16.75 -33.42 -5.10
CA LEU B 113 16.54 -32.65 -6.32
C LEU B 113 15.06 -32.72 -6.71
N ILE B 114 14.56 -31.65 -7.31
CA ILE B 114 13.16 -31.60 -7.74
C ILE B 114 13.11 -31.32 -9.24
N VAL B 115 12.34 -32.16 -9.94
CA VAL B 115 12.15 -32.06 -11.38
C VAL B 115 10.65 -31.95 -11.67
N PHE B 116 10.30 -31.04 -12.56
CA PHE B 116 8.94 -30.71 -12.91
C PHE B 116 8.49 -31.49 -14.15
N PRO B 117 7.18 -31.44 -14.49
CA PRO B 117 6.72 -32.13 -15.72
C PRO B 117 7.21 -31.54 -17.04
N THR B 118 7.13 -30.22 -17.21
CA THR B 118 7.29 -29.63 -18.54
C THR B 118 8.61 -28.89 -18.74
N GLY B 121 11.02 -26.79 -21.50
CA GLY B 121 11.91 -26.01 -20.65
C GLY B 121 13.37 -26.45 -20.65
N SER B 122 14.28 -25.47 -20.67
CA SER B 122 15.71 -25.73 -20.88
C SER B 122 16.61 -25.16 -19.79
N TYR B 123 16.08 -24.86 -18.60
CA TYR B 123 16.87 -24.17 -17.58
C TYR B 123 16.72 -24.84 -16.23
N ALA B 124 17.78 -24.72 -15.41
CA ALA B 124 17.82 -25.18 -14.04
C ALA B 124 18.00 -23.98 -13.12
N VAL B 125 17.32 -24.00 -11.96
CA VAL B 125 17.44 -22.91 -10.98
C VAL B 125 17.87 -23.51 -9.65
N CYS B 126 18.83 -22.84 -8.98
CA CYS B 126 19.26 -23.24 -7.65
C CYS B 126 19.15 -22.04 -6.71
N CYS B 127 18.50 -22.23 -5.57
CA CYS B 127 18.04 -21.08 -4.81
C CYS B 127 18.03 -21.36 -3.32
N ASP B 128 18.20 -20.28 -2.55
CA ASP B 128 17.87 -20.23 -1.10
C ASP B 128 16.73 -19.20 -1.12
N PRO B 129 15.46 -19.58 -1.00
CA PRO B 129 14.37 -18.61 -1.16
C PRO B 129 14.37 -17.55 -0.08
N ILE B 130 14.68 -17.92 1.16
CA ILE B 130 14.92 -16.94 2.21
C ILE B 130 16.16 -17.41 2.92
N ASP B 131 17.26 -16.68 2.70
CA ASP B 131 18.51 -16.75 3.45
C ASP B 131 18.48 -15.68 4.53
N GLY B 132 19.09 -15.99 5.67
CA GLY B 132 18.93 -15.17 6.84
C GLY B 132 17.69 -15.49 7.64
N SER B 133 17.18 -16.72 7.49
CA SER B 133 16.01 -17.22 8.20
C SER B 133 16.04 -16.85 9.69
N SER B 134 17.22 -16.94 10.31
CA SER B 134 17.33 -16.70 11.75
C SER B 134 17.08 -15.25 12.15
N ASN B 135 17.08 -14.32 11.19
CA ASN B 135 16.77 -12.90 11.41
C ASN B 135 15.29 -12.56 11.17
N LEU B 136 14.47 -13.52 10.72
CA LEU B 136 13.09 -13.19 10.36
C LEU B 136 12.29 -12.71 11.57
N ASP B 137 12.39 -13.43 12.69
CA ASP B 137 11.68 -13.03 13.90
C ASP B 137 12.04 -11.64 14.36
N ALA B 138 13.19 -11.11 13.96
CA ALA B 138 13.54 -9.75 14.33
C ALA B 138 13.08 -8.74 13.30
N GLY B 139 12.54 -9.18 12.17
CA GLY B 139 12.11 -8.21 11.20
C GLY B 139 13.23 -7.49 10.46
N VAL B 140 14.45 -8.02 10.55
CA VAL B 140 15.58 -7.29 9.92
C VAL B 140 15.78 -7.78 8.48
N SER B 141 16.85 -7.35 7.83
CA SER B 141 17.04 -7.67 6.43
C SER B 141 17.28 -9.16 6.21
N VAL B 142 16.64 -9.71 5.16
CA VAL B 142 16.88 -11.07 4.70
C VAL B 142 16.92 -11.02 3.18
N GLY B 143 16.97 -12.16 2.51
CA GLY B 143 17.15 -12.15 1.08
C GLY B 143 16.89 -13.50 0.46
N THR B 144 16.68 -13.47 -0.85
CA THR B 144 16.62 -14.64 -1.72
C THR B 144 17.85 -14.64 -2.61
N ILE B 145 18.45 -15.80 -2.84
CA ILE B 145 19.66 -15.91 -3.66
C ILE B 145 19.47 -17.05 -4.66
N ALA B 146 19.82 -16.81 -5.94
CA ALA B 146 19.60 -17.82 -6.97
C ALA B 146 20.68 -17.78 -8.04
N SER B 147 21.03 -18.98 -8.52
CA SER B 147 21.88 -19.22 -9.68
C SER B 147 21.06 -19.91 -10.77
N ILE B 148 21.37 -19.62 -12.03
CA ILE B 148 20.68 -20.25 -13.15
C ILE B 148 21.72 -20.96 -14.03
N PHE B 149 21.39 -22.19 -14.42
CA PHE B 149 22.13 -22.94 -15.44
C PHE B 149 21.25 -23.24 -16.64
N ARG B 150 21.88 -23.27 -17.81
CA ARG B 150 21.21 -23.85 -18.96
C ARG B 150 21.33 -25.37 -18.90
N LEU B 151 20.48 -26.04 -19.68
CA LEU B 151 20.35 -27.50 -19.71
C LEU B 151 19.59 -27.99 -18.49
N LEU B 163 25.26 -29.83 -10.49
CA LEU B 163 26.56 -30.29 -9.99
C LEU B 163 27.64 -29.97 -10.99
N ARG B 164 28.00 -28.70 -11.09
CA ARG B 164 28.70 -28.22 -12.26
C ARG B 164 29.63 -27.10 -11.83
N CYS B 165 30.63 -26.83 -12.67
CA CYS B 165 31.57 -25.75 -12.36
C CYS B 165 30.83 -24.42 -12.28
N GLY B 166 31.37 -23.52 -11.45
CA GLY B 166 30.79 -22.20 -11.30
C GLY B 166 30.98 -21.30 -12.51
N LYS B 167 31.88 -21.66 -13.42
CA LYS B 167 31.99 -20.93 -14.68
C LYS B 167 30.77 -21.10 -15.55
N GLU B 168 29.98 -22.14 -15.31
CA GLU B 168 28.91 -22.57 -16.20
C GLU B 168 27.56 -21.89 -15.93
N MET B 169 27.40 -21.17 -14.83
CA MET B 169 26.14 -20.45 -14.60
C MET B 169 25.87 -19.46 -15.72
N VAL B 170 24.61 -19.38 -16.15
CA VAL B 170 24.25 -18.39 -17.15
C VAL B 170 23.98 -17.04 -16.49
N ALA B 171 23.41 -17.04 -15.29
CA ALA B 171 23.10 -15.79 -14.62
C ALA B 171 23.01 -16.02 -13.12
N ALA B 172 23.04 -14.90 -12.40
CA ALA B 172 22.95 -14.97 -10.95
C ALA B 172 22.26 -13.72 -10.44
N CYS B 173 21.53 -13.87 -9.33
CA CYS B 173 20.88 -12.70 -8.76
C CYS B 173 20.50 -12.96 -7.31
N TYR B 174 20.21 -11.85 -6.62
CA TYR B 174 19.60 -11.90 -5.30
C TYR B 174 18.59 -10.77 -5.15
N ALA B 175 17.63 -11.01 -4.27
CA ALA B 175 16.72 -9.99 -3.80
C ALA B 175 17.04 -9.76 -2.35
N MET B 176 17.25 -8.52 -1.96
CA MET B 176 17.64 -8.23 -0.58
C MET B 176 16.42 -7.50 -0.03
N TYR B 177 15.70 -8.15 0.90
CA TYR B 177 14.51 -7.57 1.51
C TYR B 177 14.94 -6.87 2.79
N GLY B 178 15.15 -5.56 2.70
CA GLY B 178 15.51 -4.75 3.85
C GLY B 178 14.50 -3.65 4.12
N SER B 179 14.92 -2.49 4.63
CA SER B 179 13.97 -1.38 4.77
C SER B 179 13.41 -0.95 3.40
N SER B 180 14.14 -1.22 2.34
CA SER B 180 13.65 -1.23 0.96
C SER B 180 14.08 -2.57 0.32
N THR B 181 13.46 -2.93 -0.80
CA THR B 181 13.76 -4.19 -1.46
C THR B 181 14.58 -3.92 -2.70
N HIS B 182 15.65 -4.70 -2.87
CA HIS B 182 16.58 -4.49 -3.96
C HIS B 182 16.74 -5.78 -4.74
N LEU B 183 16.99 -5.66 -6.04
CA LEU B 183 17.31 -6.83 -6.85
C LEU B 183 18.64 -6.53 -7.50
N VAL B 184 19.62 -7.43 -7.34
CA VAL B 184 20.94 -7.28 -7.94
C VAL B 184 21.18 -8.48 -8.84
N LEU B 185 21.55 -8.20 -10.09
CA LEU B 185 21.54 -9.21 -11.13
C LEU B 185 22.77 -9.09 -12.01
N THR B 186 23.21 -10.22 -12.52
CA THR B 186 24.12 -10.21 -13.64
C THR B 186 23.77 -11.35 -14.59
N LEU B 187 23.93 -11.05 -15.88
CA LEU B 187 23.78 -12.04 -16.94
C LEU B 187 25.13 -12.47 -17.49
N GLY B 188 26.19 -11.69 -17.22
CA GLY B 188 27.53 -12.04 -17.64
C GLY B 188 28.42 -10.83 -17.89
N ASP B 189 27.82 -9.67 -18.12
CA ASP B 189 28.56 -8.47 -18.50
C ASP B 189 28.25 -7.36 -17.48
N GLY B 190 28.86 -7.47 -16.30
CA GLY B 190 28.65 -6.49 -15.26
C GLY B 190 27.39 -6.77 -14.46
N VAL B 191 27.09 -5.86 -13.55
CA VAL B 191 25.97 -6.10 -12.64
C VAL B 191 25.07 -4.87 -12.63
N ASP B 192 23.78 -5.11 -12.41
CA ASP B 192 22.82 -4.03 -12.31
C ASP B 192 21.92 -4.25 -11.10
N GLY B 193 21.66 -3.16 -10.39
CA GLY B 193 20.79 -3.15 -9.22
C GLY B 193 19.53 -2.33 -9.47
N PHE B 194 18.40 -2.85 -8.99
CA PHE B 194 17.10 -2.25 -9.10
C PHE B 194 16.50 -2.08 -7.71
N THR B 195 15.63 -1.09 -7.57
CA THR B 195 14.82 -0.89 -6.37
C THR B 195 13.37 -1.23 -6.67
N LEU B 196 12.70 -1.93 -5.74
CA LEU B 196 11.28 -2.22 -5.86
C LEU B 196 10.49 -0.95 -5.53
N ASP B 197 9.88 -0.36 -6.55
CA ASP B 197 8.91 0.72 -6.39
C ASP B 197 7.59 0.06 -6.02
N THR B 198 7.16 0.25 -4.78
CA THR B 198 5.94 -0.42 -4.33
C THR B 198 4.70 0.28 -4.83
N ASN B 199 4.77 1.58 -5.10
CA ASN B 199 3.64 2.27 -5.75
C ASN B 199 3.25 1.56 -7.05
N LEU B 200 4.25 1.13 -7.85
CA LEU B 200 4.00 0.61 -9.19
C LEU B 200 4.22 -0.89 -9.30
N GLY B 201 4.78 -1.54 -8.27
CA GLY B 201 5.18 -2.93 -8.38
C GLY B 201 6.10 -3.18 -9.57
N GLU B 202 7.15 -2.39 -9.67
CA GLU B 202 8.16 -2.57 -10.71
C GLU B 202 9.52 -2.35 -10.08
N PHE B 203 10.45 -3.25 -10.35
CA PHE B 203 11.85 -2.98 -10.14
C PHE B 203 12.30 -1.91 -11.13
N ILE B 204 12.77 -0.77 -10.62
CA ILE B 204 13.36 0.29 -11.43
C ILE B 204 14.88 0.33 -11.25
N LEU B 205 15.58 0.44 -12.37
CA LEU B 205 17.02 0.55 -12.40
C LEU B 205 17.46 1.73 -11.57
N THR B 206 18.22 1.46 -10.52
CA THR B 206 18.76 2.50 -9.67
C THR B 206 20.27 2.45 -9.54
N HIS B 207 20.91 1.35 -9.93
CA HIS B 207 22.36 1.19 -9.83
C HIS B 207 22.83 0.51 -11.10
N PRO B 208 22.89 1.24 -12.21
CA PRO B 208 23.42 0.65 -13.45
C PRO B 208 24.92 0.48 -13.37
N ASN B 209 25.41 -0.63 -13.93
CA ASN B 209 26.84 -0.91 -14.01
C ASN B 209 27.51 -0.76 -12.64
N LEU B 210 26.94 -1.43 -11.65
CA LEU B 210 27.42 -1.37 -10.28
C LEU B 210 28.87 -1.87 -10.14
N ARG B 211 29.69 -1.06 -9.45
CA ARG B 211 31.13 -1.27 -9.29
C ARG B 211 31.49 -1.24 -7.81
N ILE B 212 31.93 -2.36 -7.24
CA ILE B 212 32.35 -2.34 -5.83
C ILE B 212 33.70 -1.64 -5.71
N PRO B 213 33.85 -0.68 -4.81
CA PRO B 213 35.13 0.03 -4.67
C PRO B 213 36.25 -0.93 -4.30
N PRO B 214 37.44 -0.74 -4.86
CA PRO B 214 38.50 -1.74 -4.67
C PRO B 214 39.06 -1.76 -3.27
N GLN B 215 38.94 -0.67 -2.51
CA GLN B 215 39.36 -0.64 -1.12
C GLN B 215 38.31 0.05 -0.25
N LYS B 216 38.11 -0.50 0.96
CA LYS B 216 37.19 0.03 1.96
C LYS B 216 37.40 -0.71 3.27
N ALA B 217 37.54 0.02 4.38
CA ALA B 217 37.89 -0.60 5.66
C ALA B 217 36.63 -0.97 6.46
N ILE B 218 35.88 -1.93 5.93
CA ILE B 218 34.75 -2.56 6.63
C ILE B 218 34.92 -4.06 6.53
N TYR B 219 34.78 -4.76 7.66
CA TYR B 219 34.82 -6.23 7.62
C TYR B 219 33.56 -6.79 8.28
N SER B 220 33.12 -7.94 7.77
CA SER B 220 31.82 -8.50 8.10
C SER B 220 32.01 -9.99 8.36
N ILE B 221 31.95 -10.38 9.64
CA ILE B 221 32.27 -11.74 10.05
C ILE B 221 31.68 -11.94 11.43
N ASN B 222 31.29 -13.18 11.74
CA ASN B 222 30.74 -13.51 13.07
C ASN B 222 31.90 -13.81 13.99
N GLU B 223 32.34 -12.80 14.74
CA GLU B 223 33.46 -13.06 15.62
C GLU B 223 33.10 -13.97 16.79
N GLY B 224 31.81 -14.28 16.97
CA GLY B 224 31.48 -15.30 17.96
C GLY B 224 32.10 -16.65 17.66
N ASN B 225 32.50 -16.89 16.42
CA ASN B 225 33.13 -18.14 16.02
C ASN B 225 34.64 -18.11 16.19
N THR B 226 35.19 -17.06 16.81
CA THR B 226 36.64 -16.92 16.94
C THR B 226 37.25 -18.16 17.59
N LEU B 227 36.57 -18.75 18.56
CA LEU B 227 37.05 -19.94 19.24
C LEU B 227 37.35 -21.08 18.27
N TYR B 228 36.62 -21.14 17.17
CA TYR B 228 36.63 -22.29 16.27
C TYR B 228 37.51 -22.09 15.04
N TRP B 229 38.13 -20.91 14.87
CA TRP B 229 38.98 -20.63 13.71
C TRP B 229 40.42 -21.06 13.97
N ASN B 230 41.16 -21.35 12.91
CA ASN B 230 42.58 -21.62 13.06
C ASN B 230 43.37 -20.32 13.23
N GLU B 231 44.70 -20.43 13.41
CA GLU B 231 45.51 -19.25 13.73
C GLU B 231 45.54 -18.27 12.57
N THR B 232 45.67 -18.76 11.34
CA THR B 232 45.72 -17.87 10.17
C THR B 232 44.53 -16.90 10.13
N ILE B 233 43.31 -17.44 10.24
CA ILE B 233 42.11 -16.60 10.22
C ILE B 233 42.06 -15.67 11.43
N ARG B 234 42.33 -16.22 12.61
CA ARG B 234 42.33 -15.42 13.83
C ARG B 234 43.25 -14.20 13.68
N THR B 235 44.47 -14.41 13.18
CA THR B 235 45.41 -13.31 13.09
C THR B 235 45.02 -12.32 12.00
N PHE B 236 44.42 -12.79 10.90
CA PHE B 236 43.95 -11.81 9.93
C PHE B 236 42.90 -10.87 10.55
N ILE B 237 41.93 -11.45 11.28
CA ILE B 237 40.90 -10.63 11.90
C ILE B 237 41.53 -9.72 12.95
N GLU B 238 42.53 -10.21 13.66
CA GLU B 238 43.25 -9.35 14.58
C GLU B 238 43.89 -8.18 13.83
N LYS B 239 44.32 -8.40 12.58
CA LYS B 239 44.99 -7.33 11.83
C LYS B 239 44.02 -6.22 11.43
N VAL B 240 42.76 -6.56 11.11
CA VAL B 240 41.89 -5.47 10.66
C VAL B 240 41.51 -4.52 11.80
N LYS B 241 41.73 -4.92 13.04
CA LYS B 241 41.45 -4.06 14.19
C LYS B 241 42.60 -3.12 14.53
N GLN B 242 43.74 -3.24 13.85
CA GLN B 242 44.88 -2.35 14.02
C GLN B 242 44.71 -1.11 13.14
N PRO B 243 45.36 0.02 13.47
CA PRO B 243 45.23 1.24 12.69
C PRO B 243 45.74 0.98 11.27
N GLN B 244 45.11 1.60 10.28
CA GLN B 244 45.54 1.42 8.86
C GLN B 244 46.02 2.77 8.31
N ALA B 245 47.19 2.78 7.69
CA ALA B 245 47.75 4.02 7.10
C ALA B 245 46.85 4.54 5.98
N LYS B 250 43.39 4.58 11.43
CA LYS B 250 42.13 3.99 11.90
C LYS B 250 41.93 2.55 11.43
N PRO B 251 41.40 1.72 12.31
CA PRO B 251 41.16 0.30 11.98
C PRO B 251 39.89 0.17 11.15
N PHE B 252 39.57 -1.07 10.80
CA PHE B 252 38.32 -1.32 10.08
C PHE B 252 37.14 -1.08 11.02
N SER B 253 36.00 -0.79 10.40
CA SER B 253 34.72 -0.84 11.10
C SER B 253 34.09 -2.21 10.86
N ALA B 254 33.37 -2.71 11.86
CA ALA B 254 32.74 -4.03 11.78
C ALA B 254 31.24 -3.89 11.59
N ARG B 255 30.69 -4.75 10.74
CA ARG B 255 29.25 -4.78 10.46
C ARG B 255 28.88 -6.23 10.17
N TYR B 256 27.85 -6.75 10.84
CA TYR B 256 27.49 -8.15 10.59
C TYR B 256 26.02 -8.31 10.95
N VAL B 257 25.16 -8.07 9.96
CA VAL B 257 23.72 -8.21 10.13
C VAL B 257 23.38 -9.64 10.53
N GLY B 258 24.12 -10.59 9.99
CA GLY B 258 23.80 -11.99 10.19
C GLY B 258 22.94 -12.60 9.12
N SER B 259 22.51 -11.82 8.13
CA SER B 259 21.87 -12.31 6.90
C SER B 259 22.89 -12.09 5.81
N MET B 260 23.39 -13.18 5.24
CA MET B 260 24.50 -13.04 4.30
C MET B 260 24.12 -12.14 3.14
N VAL B 261 22.88 -12.22 2.64
CA VAL B 261 22.51 -11.39 1.50
C VAL B 261 22.62 -9.92 1.84
N ALA B 262 22.21 -9.54 3.07
CA ALA B 262 22.27 -8.14 3.47
C ALA B 262 23.70 -7.66 3.66
N ASP B 263 24.50 -8.49 4.34
CA ASP B 263 25.92 -8.14 4.59
C ASP B 263 26.63 -8.00 3.24
N VAL B 264 26.35 -8.90 2.31
CA VAL B 264 27.08 -8.79 1.06
C VAL B 264 26.52 -7.65 0.20
N HIS B 265 25.22 -7.33 0.31
CA HIS B 265 24.68 -6.19 -0.44
C HIS B 265 25.35 -4.90 0.00
N ARG B 266 25.48 -4.72 1.33
CA ARG B 266 26.23 -3.59 1.83
C ARG B 266 27.66 -3.60 1.29
N THR B 267 28.28 -4.77 1.23
CA THR B 267 29.65 -4.82 0.73
C THR B 267 29.72 -4.34 -0.72
N PHE B 268 28.79 -4.79 -1.56
CA PHE B 268 28.68 -4.29 -2.94
C PHE B 268 28.62 -2.75 -2.99
N LEU B 269 27.79 -2.13 -2.15
CA LEU B 269 27.53 -0.70 -2.35
C LEU B 269 28.58 0.21 -1.68
N TYR B 270 29.11 -0.26 -0.56
CA TYR B 270 30.07 0.55 0.21
C TYR B 270 31.49 0.01 0.07
N GLY B 271 31.68 -1.26 -0.33
CA GLY B 271 33.00 -1.84 -0.31
C GLY B 271 33.27 -2.56 1.00
N GLY B 272 34.37 -3.33 1.03
CA GLY B 272 34.72 -4.02 2.25
C GLY B 272 34.92 -5.51 2.02
N LEU B 273 34.94 -6.26 3.13
CA LEU B 273 35.09 -7.71 3.13
C LEU B 273 33.91 -8.36 3.85
N PHE B 274 33.34 -9.41 3.25
CA PHE B 274 32.48 -10.36 3.95
C PHE B 274 33.18 -11.72 4.00
N ALA B 275 33.04 -12.43 5.12
CA ALA B 275 33.67 -13.75 5.24
C ALA B 275 32.79 -14.71 6.03
N TYR B 276 32.82 -15.98 5.64
CA TYR B 276 32.38 -17.07 6.50
C TYR B 276 33.35 -18.22 6.30
N PRO B 277 34.39 -18.30 7.13
CA PRO B 277 35.43 -19.32 6.95
C PRO B 277 35.02 -20.66 7.52
N CYS B 278 35.82 -21.69 7.17
CA CYS B 278 35.79 -22.96 7.88
C CYS B 278 36.03 -22.74 9.37
N ASP B 279 35.35 -23.54 10.20
CA ASP B 279 35.68 -23.57 11.61
C ASP B 279 35.42 -24.98 12.14
N LYS B 280 35.87 -25.22 13.38
CA LYS B 280 35.73 -26.55 13.96
C LYS B 280 34.28 -27.05 13.91
N LYS B 281 33.31 -26.17 14.03
CA LYS B 281 31.91 -26.61 14.01
C LYS B 281 31.37 -26.73 12.59
N SER B 282 32.06 -26.12 11.62
CA SER B 282 31.61 -26.09 10.23
C SER B 282 32.88 -26.18 9.37
N PRO B 283 33.47 -27.38 9.25
CA PRO B 283 34.78 -27.50 8.58
C PRO B 283 34.78 -27.10 7.13
N ASN B 284 33.62 -27.01 6.49
CA ASN B 284 33.50 -26.60 5.10
C ASN B 284 32.76 -25.27 4.94
N GLY B 285 32.77 -24.41 5.96
CA GLY B 285 32.02 -23.18 5.88
C GLY B 285 30.55 -23.47 6.10
N LYS B 286 29.73 -22.43 5.92
CA LYS B 286 28.26 -22.57 6.12
C LYS B 286 27.52 -22.28 4.81
N LEU B 287 27.99 -21.31 4.02
CA LEU B 287 27.35 -21.02 2.74
C LEU B 287 27.34 -22.25 1.86
N ARG B 288 26.22 -22.44 1.17
CA ARG B 288 26.08 -23.48 0.17
C ARG B 288 26.75 -23.03 -1.13
N LEU B 289 27.57 -23.93 -1.70
CA LEU B 289 28.33 -23.59 -2.88
C LEU B 289 27.42 -23.30 -4.06
N LEU B 290 26.41 -24.15 -4.26
CA LEU B 290 25.66 -24.15 -5.51
C LEU B 290 24.76 -22.91 -5.64
N TYR B 291 24.06 -22.55 -4.57
CA TYR B 291 23.09 -21.46 -4.64
C TYR B 291 23.34 -20.36 -3.61
N GLU B 292 24.51 -20.33 -2.99
CA GLU B 292 24.89 -19.15 -2.21
C GLU B 292 26.28 -18.68 -2.62
N ALA B 293 27.29 -19.53 -2.46
CA ALA B 293 28.65 -19.12 -2.79
C ALA B 293 28.80 -18.85 -4.29
N PHE B 294 28.31 -19.76 -5.14
CA PHE B 294 28.41 -19.51 -6.59
C PHE B 294 27.78 -18.18 -7.01
N PRO B 295 26.48 -17.95 -6.80
CA PRO B 295 25.89 -16.75 -7.40
C PRO B 295 26.53 -15.47 -6.88
N MET B 296 26.90 -15.47 -5.60
CA MET B 296 27.53 -14.27 -5.01
C MET B 296 28.90 -14.05 -5.64
N ALA B 297 29.67 -15.12 -5.83
CA ALA B 297 30.99 -14.98 -6.46
C ALA B 297 30.87 -14.43 -7.87
N PHE B 298 29.91 -14.96 -8.63
CA PHE B 298 29.66 -14.47 -10.00
C PHE B 298 29.41 -12.96 -9.99
N LEU B 299 28.43 -12.54 -9.18
CA LEU B 299 28.10 -11.11 -9.07
C LEU B 299 29.30 -10.27 -8.63
N MET B 300 30.04 -10.75 -7.63
CA MET B 300 31.16 -10.00 -7.09
C MET B 300 32.26 -9.79 -8.12
N GLU B 301 32.65 -10.85 -8.83
CA GLU B 301 33.64 -10.65 -9.88
C GLU B 301 33.10 -9.72 -10.95
N GLN B 302 31.86 -9.92 -11.37
CA GLN B 302 31.28 -9.06 -12.39
C GLN B 302 31.15 -7.61 -11.93
N ALA B 303 31.28 -7.35 -10.62
CA ALA B 303 31.25 -5.99 -10.10
C ALA B 303 32.64 -5.39 -9.90
N GLY B 304 33.70 -6.15 -10.14
CA GLY B 304 35.04 -5.66 -9.91
C GLY B 304 35.68 -6.12 -8.61
N GLY B 305 35.13 -7.12 -7.96
CA GLY B 305 35.70 -7.63 -6.72
C GLY B 305 36.08 -9.09 -6.84
N LYS B 306 36.36 -9.73 -5.69
CA LYS B 306 36.92 -11.07 -5.67
C LYS B 306 36.17 -11.94 -4.67
N ALA B 307 36.21 -13.24 -4.90
CA ALA B 307 35.54 -14.20 -4.04
C ALA B 307 36.35 -15.48 -4.02
N VAL B 308 36.93 -15.83 -2.87
CA VAL B 308 37.80 -16.99 -2.74
C VAL B 308 37.36 -17.80 -1.51
N ASN B 309 37.91 -19.00 -1.36
CA ASN B 309 37.67 -19.72 -0.12
C ASN B 309 38.84 -19.47 0.83
N ASP B 310 38.84 -20.17 1.97
CA ASP B 310 39.87 -19.93 2.99
C ASP B 310 41.25 -20.25 2.47
N ARG B 311 41.34 -21.15 1.49
CA ARG B 311 42.61 -21.56 0.92
C ARG B 311 43.05 -20.63 -0.21
N GLY B 312 42.27 -19.58 -0.49
CA GLY B 312 42.58 -18.62 -1.52
C GLY B 312 42.15 -18.99 -2.92
N GLU B 313 41.41 -20.10 -3.08
CA GLU B 313 41.03 -20.58 -4.40
C GLU B 313 39.79 -19.84 -4.89
N ARG B 314 39.74 -19.63 -6.20
CA ARG B 314 38.60 -18.94 -6.79
C ARG B 314 37.34 -19.77 -6.61
N ILE B 315 36.33 -19.17 -5.95
CA ILE B 315 35.04 -19.85 -5.75
C ILE B 315 34.49 -20.39 -7.07
N LEU B 316 34.54 -19.58 -8.13
CA LEU B 316 33.89 -20.00 -9.37
C LEU B 316 34.63 -21.14 -10.07
N ASP B 317 35.90 -21.39 -9.73
CA ASP B 317 36.59 -22.56 -10.25
C ASP B 317 36.15 -23.87 -9.58
N LEU B 318 35.49 -23.79 -8.44
CA LEU B 318 35.13 -24.97 -7.68
C LEU B 318 33.98 -25.74 -8.34
N VAL B 319 33.78 -26.98 -7.90
CA VAL B 319 32.69 -27.82 -8.39
C VAL B 319 32.05 -28.54 -7.21
N PRO B 320 30.76 -28.34 -6.94
CA PRO B 320 30.10 -29.08 -5.86
C PRO B 320 30.01 -30.55 -6.22
N SER B 321 30.14 -31.40 -5.20
CA SER B 321 29.95 -32.83 -5.40
C SER B 321 28.58 -33.32 -4.99
N HIS B 322 27.85 -32.54 -4.19
CA HIS B 322 26.45 -32.78 -3.90
C HIS B 322 25.77 -31.43 -3.95
N ILE B 323 24.44 -31.43 -4.20
CA ILE B 323 23.72 -30.17 -4.42
C ILE B 323 23.76 -29.25 -3.20
N HIS B 324 24.02 -29.78 -2.00
CA HIS B 324 24.04 -28.98 -0.79
C HIS B 324 25.45 -28.81 -0.22
N ASP B 325 26.47 -29.01 -1.04
CA ASP B 325 27.83 -28.84 -0.56
C ASP B 325 28.05 -27.42 -0.06
N LYS B 326 28.98 -27.28 0.88
CA LYS B 326 29.28 -25.99 1.47
C LYS B 326 30.71 -25.59 1.14
N SER B 327 30.97 -24.29 1.23
CA SER B 327 32.31 -23.75 1.02
C SER B 327 32.48 -22.54 1.93
N SER B 328 33.68 -22.39 2.48
CA SER B 328 34.06 -21.14 3.13
C SER B 328 34.14 -20.05 2.07
N ILE B 329 34.13 -18.79 2.49
CA ILE B 329 34.24 -17.74 1.49
C ILE B 329 34.78 -16.46 2.11
N TRP B 330 35.50 -15.69 1.29
CA TRP B 330 35.95 -14.33 1.55
C TRP B 330 35.68 -13.57 0.27
N LEU B 331 34.80 -12.58 0.32
CA LEU B 331 34.51 -11.86 -0.91
C LEU B 331 34.38 -10.38 -0.62
N GLY B 332 34.64 -9.59 -1.64
CA GLY B 332 34.48 -8.17 -1.50
C GLY B 332 35.47 -7.42 -2.37
N SER B 333 35.83 -6.23 -1.86
CA SER B 333 36.72 -5.33 -2.57
C SER B 333 38.00 -6.07 -2.97
N SER B 334 38.45 -5.82 -4.20
CA SER B 334 39.61 -6.55 -4.71
C SER B 334 40.86 -6.26 -3.91
N GLY B 335 41.07 -5.01 -3.50
CA GLY B 335 42.22 -4.69 -2.65
C GLY B 335 42.17 -5.41 -1.32
N GLU B 336 40.99 -5.51 -0.70
CA GLU B 336 40.94 -6.12 0.63
C GLU B 336 41.11 -7.63 0.53
N ILE B 337 40.55 -8.25 -0.52
CA ILE B 337 40.79 -9.66 -0.74
C ILE B 337 42.27 -9.89 -1.03
N ASP B 338 42.92 -8.97 -1.76
CA ASP B 338 44.36 -9.06 -2.01
C ASP B 338 45.12 -9.11 -0.70
N LYS B 339 44.79 -8.21 0.23
CA LYS B 339 45.45 -8.23 1.54
C LYS B 339 45.26 -9.57 2.22
N PHE B 340 44.06 -10.13 2.14
CA PHE B 340 43.81 -11.44 2.76
C PHE B 340 44.70 -12.51 2.13
N LEU B 341 44.77 -12.51 0.80
CA LEU B 341 45.58 -13.48 0.06
C LEU B 341 47.05 -13.39 0.49
N ASP B 342 47.62 -12.18 0.47
CA ASP B 342 48.97 -11.99 1.02
C ASP B 342 49.10 -12.63 2.40
N HIS B 343 48.13 -12.36 3.28
CA HIS B 343 48.20 -12.91 4.63
C HIS B 343 48.30 -14.44 4.64
N ILE B 344 47.42 -15.11 3.91
CA ILE B 344 47.46 -16.58 3.94
C ILE B 344 48.53 -17.17 3.03
N GLY B 345 49.02 -16.40 2.06
CA GLY B 345 49.89 -16.95 1.04
C GLY B 345 51.19 -16.21 0.89
N ILE C 20 -1.67 19.36 7.51
CA ILE C 20 -2.29 18.04 7.22
C ILE C 20 -3.11 17.55 8.41
N ILE C 21 -4.40 17.35 8.21
CA ILE C 21 -5.38 16.91 9.21
C ILE C 21 -5.87 15.50 8.87
N THR C 22 -5.61 14.56 9.77
CA THR C 22 -6.07 13.19 9.60
C THR C 22 -7.37 12.99 10.40
N LEU C 23 -8.14 12.00 9.98
CA LEU C 23 -9.40 11.72 10.67
C LEU C 23 -9.23 11.48 12.17
N PRO C 24 -8.22 10.73 12.65
CA PRO C 24 -8.11 10.54 14.12
C PRO C 24 -7.96 11.85 14.87
N ARG C 25 -7.11 12.76 14.38
CA ARG C 25 -6.96 14.04 15.04
C ARG C 25 -8.21 14.91 14.91
N PHE C 26 -8.83 14.94 13.73
CA PHE C 26 -10.12 15.62 13.57
C PHE C 26 -11.13 15.14 14.61
N ILE C 27 -11.24 13.83 14.82
CA ILE C 27 -12.25 13.32 15.74
C ILE C 27 -11.89 13.65 17.19
N ILE C 28 -10.63 13.42 17.58
CA ILE C 28 -10.25 13.73 18.97
C ILE C 28 -10.43 15.20 19.26
N GLU C 29 -10.02 16.07 18.32
CA GLU C 29 -10.22 17.51 18.53
C GLU C 29 -11.71 17.85 18.63
N HIS C 30 -12.54 17.25 17.80
CA HIS C 30 -13.96 17.54 17.93
C HIS C 30 -14.48 17.09 19.30
N GLN C 31 -14.10 15.89 19.74
CA GLN C 31 -14.67 15.33 20.94
C GLN C 31 -14.16 16.01 22.22
N LYS C 32 -12.92 16.51 22.22
CA LYS C 32 -12.50 17.23 23.42
C LYS C 32 -13.18 18.58 23.58
N GLN C 33 -13.88 19.09 22.55
CA GLN C 33 -14.80 20.19 22.81
C GLN C 33 -15.84 19.85 23.88
N PHE C 34 -16.12 18.56 24.10
CA PHE C 34 -17.15 18.13 25.02
C PHE C 34 -16.55 17.42 26.23
N LYS C 35 -15.23 17.55 26.41
CA LYS C 35 -14.49 16.85 27.44
C LYS C 35 -14.67 15.34 27.30
N ASN C 36 -14.60 14.86 26.06
CA ASN C 36 -14.94 13.48 25.72
C ASN C 36 -13.98 12.91 24.68
N ALA C 37 -12.71 13.32 24.72
CA ALA C 37 -11.76 12.89 23.71
C ALA C 37 -11.58 11.37 23.71
N THR C 38 -11.56 10.75 24.90
CA THR C 38 -11.37 9.30 25.01
C THR C 38 -12.67 8.53 25.18
N GLY C 39 -13.81 9.15 24.92
CA GLY C 39 -15.08 8.50 25.13
C GLY C 39 -15.36 7.43 24.10
N ASP C 40 -16.50 6.76 24.29
CA ASP C 40 -16.85 5.62 23.44
C ASP C 40 -17.09 6.04 21.98
N PHE C 41 -17.56 7.26 21.75
CA PHE C 41 -17.79 7.68 20.37
C PHE C 41 -16.51 7.60 19.55
N THR C 42 -15.37 7.97 20.14
CA THR C 42 -14.08 7.90 19.43
C THR C 42 -13.76 6.47 19.02
N LEU C 43 -14.12 5.50 19.86
CA LEU C 43 -13.91 4.10 19.51
C LEU C 43 -14.88 3.63 18.43
N VAL C 44 -16.09 4.16 18.37
CA VAL C 44 -16.99 3.82 17.25
C VAL C 44 -16.40 4.31 15.94
N LEU C 45 -15.92 5.57 15.93
CA LEU C 45 -15.28 6.08 14.71
C LEU C 45 -14.03 5.32 14.34
N ASN C 46 -13.18 4.96 15.33
CA ASN C 46 -12.03 4.14 15.04
C ASN C 46 -12.44 2.82 14.39
N ALA C 47 -13.48 2.17 14.93
CA ALA C 47 -13.95 0.92 14.35
C ALA C 47 -14.43 1.12 12.91
N LEU C 48 -15.16 2.20 12.67
CA LEU C 48 -15.68 2.45 11.33
C LEU C 48 -14.53 2.66 10.34
N GLN C 49 -13.57 3.53 10.69
CA GLN C 49 -12.52 3.82 9.71
C GLN C 49 -11.65 2.59 9.44
N PHE C 50 -11.42 1.77 10.46
CA PHE C 50 -10.68 0.52 10.25
C PHE C 50 -11.47 -0.39 9.29
N ALA C 51 -12.77 -0.53 9.54
CA ALA C 51 -13.59 -1.35 8.66
C ALA C 51 -13.56 -0.81 7.22
N PHE C 52 -13.63 0.52 7.06
CA PHE C 52 -13.65 1.08 5.70
C PHE C 52 -12.34 0.82 4.96
N LYS C 53 -11.21 0.95 5.64
CA LYS C 53 -9.93 0.70 4.97
C LYS C 53 -9.81 -0.75 4.59
N PHE C 54 -10.31 -1.64 5.45
CA PHE C 54 -10.25 -3.10 5.17
C PHE C 54 -11.17 -3.42 3.98
N VAL C 55 -12.40 -2.88 4.00
CA VAL C 55 -13.30 -3.16 2.88
C VAL C 55 -12.71 -2.59 1.59
N SER C 56 -12.15 -1.38 1.64
CA SER C 56 -11.59 -0.74 0.44
C SER C 56 -10.50 -1.62 -0.17
N HIS C 57 -9.56 -2.08 0.66
CA HIS C 57 -8.53 -2.97 0.18
C HIS C 57 -9.11 -4.26 -0.40
N THR C 58 -10.10 -4.84 0.27
CA THR C 58 -10.63 -6.12 -0.21
C THR C 58 -11.34 -5.93 -1.54
N ILE C 59 -12.05 -4.82 -1.68
CA ILE C 59 -12.77 -4.50 -2.90
C ILE C 59 -11.80 -4.24 -4.05
N ARG C 60 -10.69 -3.58 -3.75
CA ARG C 60 -9.61 -3.37 -4.73
C ARG C 60 -9.02 -4.68 -5.25
N ARG C 61 -9.01 -5.73 -4.44
CA ARG C 61 -8.48 -7.00 -4.92
C ARG C 61 -9.44 -7.72 -5.86
N ALA C 62 -10.74 -7.48 -5.71
CA ALA C 62 -11.76 -7.90 -6.70
C ALA C 62 -11.66 -9.42 -6.85
N GLU C 63 -11.49 -9.96 -8.07
CA GLU C 63 -11.43 -11.41 -8.28
C GLU C 63 -10.20 -12.04 -7.65
N LEU C 64 -9.15 -11.27 -7.37
CA LEU C 64 -7.94 -11.88 -6.84
C LEU C 64 -8.15 -12.46 -5.45
N VAL C 65 -9.17 -11.98 -4.72
CA VAL C 65 -9.53 -12.55 -3.42
C VAL C 65 -9.70 -14.06 -3.52
N ASN C 66 -10.45 -14.54 -4.51
CA ASN C 66 -10.65 -15.96 -4.71
C ASN C 66 -9.54 -16.63 -5.51
N LEU C 67 -8.68 -15.86 -6.16
CA LEU C 67 -7.75 -16.40 -7.14
C LEU C 67 -6.32 -16.51 -6.62
N VAL C 68 -5.82 -15.49 -5.93
CA VAL C 68 -4.46 -15.49 -5.40
C VAL C 68 -4.51 -15.91 -3.94
N GLY C 69 -3.81 -16.99 -3.60
CA GLY C 69 -3.63 -17.42 -2.23
C GLY C 69 -2.37 -16.87 -1.61
N LEU C 70 -2.01 -17.45 -0.45
CA LEU C 70 -0.86 -16.99 0.33
C LEU C 70 0.46 -17.42 -0.28
N ALA C 71 0.48 -18.50 -1.04
CA ALA C 71 1.70 -18.97 -1.69
C ALA C 71 1.59 -18.86 -3.21
N LYS C 83 -17.31 -14.96 -1.27
CA LYS C 83 -18.12 -13.93 -1.92
C LYS C 83 -17.86 -12.54 -1.33
N LEU C 84 -17.85 -11.52 -2.18
CA LEU C 84 -17.23 -10.26 -1.79
C LEU C 84 -18.14 -9.45 -0.88
N ASP C 85 -19.45 -9.46 -1.11
CA ASP C 85 -20.32 -8.73 -0.19
C ASP C 85 -20.42 -9.44 1.15
N VAL C 86 -20.31 -10.78 1.16
CA VAL C 86 -20.25 -11.53 2.42
C VAL C 86 -18.99 -11.16 3.19
N LEU C 87 -17.84 -11.09 2.50
CA LEU C 87 -16.61 -10.67 3.17
C LEU C 87 -16.75 -9.28 3.76
N GLY C 88 -17.36 -8.35 3.01
CA GLY C 88 -17.60 -7.02 3.54
C GLY C 88 -18.42 -7.05 4.82
N ASP C 89 -19.47 -7.89 4.82
CA ASP C 89 -20.29 -8.05 6.03
C ASP C 89 -19.44 -8.54 7.20
N GLU C 90 -18.62 -9.57 6.96
CA GLU C 90 -17.85 -10.15 8.04
C GLU C 90 -16.87 -9.13 8.62
N ILE C 91 -16.18 -8.40 7.73
CA ILE C 91 -15.24 -7.37 8.15
C ILE C 91 -15.92 -6.35 9.03
N PHE C 92 -17.12 -5.92 8.61
CA PHE C 92 -17.80 -4.86 9.35
C PHE C 92 -18.27 -5.35 10.73
N ILE C 93 -18.87 -6.54 10.78
CA ILE C 93 -19.34 -7.09 12.04
C ILE C 93 -18.19 -7.28 13.01
N ASN C 94 -17.05 -7.79 12.51
CA ASN C 94 -15.90 -8.05 13.36
C ASN C 94 -15.33 -6.75 13.94
N ALA C 95 -15.13 -5.74 13.08
CA ALA C 95 -14.66 -4.44 13.59
C ALA C 95 -15.61 -3.89 14.65
N MET C 96 -16.93 -3.96 14.39
CA MET C 96 -17.88 -3.38 15.33
C MET C 96 -17.81 -4.09 16.68
N ARG C 97 -17.84 -5.43 16.67
CA ARG C 97 -17.69 -6.19 17.91
C ARG C 97 -16.39 -5.83 18.64
N ALA C 98 -15.27 -5.79 17.91
CA ALA C 98 -13.99 -5.56 18.58
C ALA C 98 -13.91 -4.16 19.18
N SER C 99 -14.76 -3.24 18.74
CA SER C 99 -14.80 -1.93 19.40
C SER C 99 -15.07 -2.08 20.90
N GLY C 100 -15.88 -3.08 21.29
CA GLY C 100 -16.19 -3.30 22.69
C GLY C 100 -17.25 -2.41 23.27
N ILE C 101 -17.71 -1.42 22.49
CA ILE C 101 -18.68 -0.41 23.01
C ILE C 101 -19.91 -0.26 22.13
N ILE C 102 -19.98 -0.96 21.01
CA ILE C 102 -21.20 -0.98 20.21
C ILE C 102 -22.04 -2.12 20.75
N LYS C 103 -23.19 -1.80 21.32
CA LYS C 103 -23.97 -2.88 21.91
C LYS C 103 -24.82 -3.59 20.86
N VAL C 104 -25.22 -2.87 19.82
CA VAL C 104 -26.29 -3.27 18.94
C VAL C 104 -25.90 -2.87 17.51
N LEU C 105 -26.25 -3.74 16.55
CA LEU C 105 -25.93 -3.46 15.17
C LEU C 105 -27.02 -4.05 14.28
N VAL C 106 -27.48 -3.23 13.34
CA VAL C 106 -28.31 -3.69 12.22
C VAL C 106 -27.42 -3.72 10.99
N SER C 107 -27.42 -4.86 10.29
CA SER C 107 -26.71 -4.99 9.02
C SER C 107 -27.65 -5.51 7.95
N GLU C 108 -27.49 -5.02 6.73
CA GLU C 108 -28.48 -5.29 5.67
C GLU C 108 -28.66 -6.80 5.43
N GLU C 109 -27.58 -7.57 5.37
CA GLU C 109 -27.78 -9.02 5.22
C GLU C 109 -28.17 -9.80 6.46
N GLN C 110 -28.24 -9.21 7.64
CA GLN C 110 -28.74 -9.99 8.78
C GLN C 110 -30.21 -9.67 8.99
N GLU C 111 -31.06 -10.70 8.96
CA GLU C 111 -32.49 -10.49 9.15
C GLU C 111 -32.79 -9.91 10.51
N ASP C 112 -32.04 -10.35 11.53
CA ASP C 112 -32.29 -10.01 12.92
C ASP C 112 -31.29 -8.98 13.44
N LEU C 113 -31.74 -8.23 14.45
CA LEU C 113 -30.87 -7.37 15.24
C LEU C 113 -29.70 -8.15 15.82
N ILE C 114 -28.49 -7.66 15.60
CA ILE C 114 -27.30 -8.26 16.19
C ILE C 114 -27.00 -7.59 17.53
N VAL C 115 -26.85 -8.39 18.58
CA VAL C 115 -26.52 -7.90 19.91
C VAL C 115 -25.19 -8.52 20.33
N PHE C 116 -24.26 -7.69 20.75
CA PHE C 116 -22.91 -8.12 21.11
C PHE C 116 -22.80 -8.36 22.61
N PRO C 117 -21.80 -9.14 23.04
CA PRO C 117 -21.75 -9.57 24.46
C PRO C 117 -21.42 -8.46 25.45
N THR C 118 -20.63 -7.46 25.04
CA THR C 118 -20.19 -6.44 25.99
C THR C 118 -19.97 -5.11 25.29
N SER C 122 -22.35 3.41 25.22
CA SER C 122 -22.90 2.36 24.37
C SER C 122 -23.75 2.90 23.23
N TYR C 123 -23.37 2.45 22.05
CA TYR C 123 -23.86 2.96 20.79
C TYR C 123 -24.50 1.81 20.03
N ALA C 124 -25.39 2.18 19.12
CA ALA C 124 -25.96 1.30 18.12
C ALA C 124 -25.48 1.76 16.75
N VAL C 125 -25.08 0.80 15.91
CA VAL C 125 -24.64 1.09 14.54
C VAL C 125 -25.57 0.36 13.56
N CYS C 126 -26.06 1.07 12.54
CA CYS C 126 -26.85 0.45 11.48
C CYS C 126 -26.19 0.72 10.14
N CYS C 127 -26.06 -0.32 9.32
CA CYS C 127 -25.11 -0.28 8.21
C CYS C 127 -25.56 -1.12 7.02
N ASP C 128 -25.16 -0.67 5.84
CA ASP C 128 -25.13 -1.53 4.63
C ASP C 128 -23.63 -1.60 4.33
N PRO C 129 -22.93 -2.67 4.72
CA PRO C 129 -21.47 -2.75 4.57
C PRO C 129 -20.99 -2.57 3.14
N ILE C 130 -21.72 -3.12 2.17
CA ILE C 130 -21.46 -2.81 0.77
C ILE C 130 -22.81 -2.63 0.12
N ASP C 131 -23.15 -1.39 -0.21
CA ASP C 131 -24.31 -1.03 -1.02
C ASP C 131 -23.86 -0.79 -2.45
N GLY C 132 -24.68 -1.23 -3.40
CA GLY C 132 -24.26 -1.27 -4.79
C GLY C 132 -23.64 -2.58 -5.19
N SER C 133 -23.97 -3.66 -4.47
CA SER C 133 -23.41 -4.99 -4.70
C SER C 133 -23.54 -5.44 -6.14
N SER C 134 -24.62 -5.05 -6.82
CA SER C 134 -24.76 -5.46 -8.22
C SER C 134 -23.69 -4.84 -9.12
N ASN C 135 -22.95 -3.84 -8.65
CA ASN C 135 -21.86 -3.29 -9.43
C ASN C 135 -20.50 -3.93 -9.13
N LEU C 136 -20.41 -4.81 -8.12
CA LEU C 136 -19.11 -5.34 -7.74
C LEU C 136 -18.43 -6.07 -8.88
N ASP C 137 -19.17 -6.92 -9.59
CA ASP C 137 -18.56 -7.73 -10.64
C ASP C 137 -17.97 -6.85 -11.74
N ALA C 138 -18.50 -5.64 -11.92
CA ALA C 138 -17.98 -4.68 -12.89
C ALA C 138 -16.83 -3.83 -12.36
N GLY C 139 -16.45 -3.98 -11.09
CA GLY C 139 -15.36 -3.16 -10.57
C GLY C 139 -15.60 -1.65 -10.55
N VAL C 140 -16.86 -1.24 -10.67
CA VAL C 140 -17.14 0.21 -10.61
C VAL C 140 -17.32 0.63 -9.15
N SER C 141 -17.79 1.83 -8.92
CA SER C 141 -17.84 2.36 -7.55
C SER C 141 -18.97 1.71 -6.73
N VAL C 142 -18.68 1.49 -5.44
CA VAL C 142 -19.63 0.93 -4.47
C VAL C 142 -19.35 1.66 -3.16
N GLY C 143 -20.04 1.29 -2.08
CA GLY C 143 -19.80 2.04 -0.85
C GLY C 143 -20.43 1.39 0.35
N THR C 144 -20.03 1.89 1.52
CA THR C 144 -20.55 1.51 2.82
C THR C 144 -21.33 2.70 3.36
N ILE C 145 -22.48 2.44 3.97
CA ILE C 145 -23.28 3.54 4.53
C ILE C 145 -23.74 3.16 5.94
N ALA C 146 -23.72 4.14 6.86
CA ALA C 146 -23.99 3.82 8.27
C ALA C 146 -24.57 5.01 9.03
N SER C 147 -25.53 4.70 9.89
CA SER C 147 -26.02 5.66 10.88
C SER C 147 -25.63 5.18 12.27
N ILE C 148 -25.54 6.13 13.21
CA ILE C 148 -25.09 5.84 14.58
C ILE C 148 -26.07 6.44 15.56
N PHE C 149 -26.52 5.63 16.52
CA PHE C 149 -27.43 6.08 17.56
C PHE C 149 -26.78 5.83 18.91
N ARG C 150 -27.19 6.61 19.90
CA ARG C 150 -26.83 6.30 21.27
C ARG C 150 -27.99 5.53 21.89
N LEU C 151 -27.65 4.48 22.64
CA LEU C 151 -28.68 3.70 23.33
C LEU C 151 -29.56 4.60 24.19
N LEU C 152 -30.84 4.29 24.19
CA LEU C 152 -31.78 4.98 25.06
C LEU C 152 -31.30 4.89 26.51
N PRO C 153 -31.53 5.93 27.33
CA PRO C 153 -31.04 5.94 28.72
C PRO C 153 -31.19 4.62 29.48
N ASP C 154 -32.39 4.09 29.53
CA ASP C 154 -32.64 2.84 30.24
C ASP C 154 -32.66 1.69 29.23
N SER C 155 -31.48 1.35 28.72
CA SER C 155 -31.43 0.33 27.67
C SER C 155 -30.22 -0.58 27.83
N SER C 156 -30.45 -1.87 27.63
CA SER C 156 -29.39 -2.86 27.53
C SER C 156 -29.21 -3.40 26.12
N GLY C 157 -29.84 -2.78 25.12
CA GLY C 157 -29.61 -3.15 23.75
C GLY C 157 -30.78 -3.84 23.08
N THR C 158 -31.74 -3.08 22.57
CA THR C 158 -32.89 -3.68 21.92
C THR C 158 -33.20 -2.89 20.66
N ILE C 159 -34.17 -3.41 19.89
CA ILE C 159 -34.68 -2.72 18.70
C ILE C 159 -35.25 -1.36 19.04
N ASN C 160 -35.52 -1.08 20.31
CA ASN C 160 -35.98 0.25 20.68
C ASN C 160 -34.87 1.29 20.49
N ASP C 161 -33.62 0.87 20.60
CA ASP C 161 -32.51 1.80 20.43
C ASP C 161 -32.27 2.14 18.97
N VAL C 162 -33.01 1.49 18.07
CA VAL C 162 -32.78 1.65 16.61
C VAL C 162 -34.07 2.11 15.90
N LEU C 163 -35.23 1.52 16.20
CA LEU C 163 -36.48 1.91 15.56
C LEU C 163 -36.89 3.27 16.11
N ARG C 164 -36.23 4.31 15.60
CA ARG C 164 -36.39 5.66 16.12
C ARG C 164 -36.50 6.66 14.99
N CYS C 165 -36.99 7.84 15.35
CA CYS C 165 -37.01 8.96 14.41
C CYS C 165 -35.60 9.27 13.89
N GLY C 166 -35.52 9.64 12.62
CA GLY C 166 -34.23 9.98 12.05
C GLY C 166 -33.46 11.02 12.84
N LYS C 167 -34.18 11.89 13.55
CA LYS C 167 -33.58 13.02 14.25
C LYS C 167 -32.79 12.59 15.48
N GLU C 168 -32.82 11.33 15.86
CA GLU C 168 -32.09 10.92 17.06
C GLU C 168 -30.69 10.36 16.75
N MET C 169 -30.31 10.35 15.48
CA MET C 169 -28.96 9.88 15.07
C MET C 169 -27.90 10.82 15.64
N VAL C 170 -26.82 10.29 16.19
CA VAL C 170 -25.75 11.19 16.63
C VAL C 170 -24.77 11.50 15.50
N ALA C 171 -24.66 10.63 14.52
CA ALA C 171 -23.63 10.74 13.48
C ALA C 171 -24.08 9.92 12.29
N ALA C 172 -23.53 10.26 11.13
CA ALA C 172 -23.77 9.42 9.96
C ALA C 172 -22.57 9.53 9.05
N CYS C 173 -22.31 8.48 8.29
CA CYS C 173 -21.16 8.54 7.38
C CYS C 173 -21.33 7.51 6.28
N TYR C 174 -20.55 7.71 5.22
CA TYR C 174 -20.37 6.70 4.18
C TYR C 174 -18.92 6.67 3.73
N ALA C 175 -18.52 5.52 3.19
CA ALA C 175 -17.25 5.37 2.51
C ALA C 175 -17.58 5.00 1.09
N MET C 176 -17.07 5.76 0.16
CA MET C 176 -17.29 5.56 -1.26
C MET C 176 -16.02 4.93 -1.82
N TYR C 177 -16.13 3.66 -2.24
CA TYR C 177 -15.00 2.95 -2.83
C TYR C 177 -15.09 3.16 -4.34
N GLY C 178 -14.37 4.17 -4.84
CA GLY C 178 -14.29 4.46 -6.26
C GLY C 178 -12.89 4.34 -6.81
N SER C 179 -12.57 5.11 -7.84
CA SER C 179 -11.17 5.14 -8.27
C SER C 179 -10.25 5.67 -7.17
N SER C 180 -10.80 6.38 -6.20
CA SER C 180 -10.19 6.68 -4.92
C SER C 180 -11.23 6.38 -3.85
N THR C 181 -10.78 6.20 -2.63
CA THR C 181 -11.70 5.96 -1.54
C THR C 181 -11.92 7.24 -0.76
N HIS C 182 -13.18 7.52 -0.45
CA HIS C 182 -13.56 8.74 0.25
C HIS C 182 -14.45 8.42 1.44
N LEU C 183 -14.29 9.17 2.52
CA LEU C 183 -15.13 9.04 3.71
C LEU C 183 -15.83 10.37 3.89
N VAL C 184 -17.14 10.36 4.01
CA VAL C 184 -17.88 11.60 4.20
C VAL C 184 -18.71 11.46 5.48
N LEU C 185 -18.63 12.45 6.36
CA LEU C 185 -19.10 12.26 7.73
C LEU C 185 -19.83 13.51 8.21
N THR C 186 -20.85 13.32 9.05
CA THR C 186 -21.37 14.40 9.88
C THR C 186 -21.52 13.93 11.31
N LEU C 187 -21.22 14.84 12.24
CA LEU C 187 -21.45 14.66 13.67
C LEU C 187 -22.50 15.65 14.20
N GLY C 188 -23.31 16.24 13.31
CA GLY C 188 -24.28 17.26 13.69
C GLY C 188 -23.87 18.70 13.43
N ASP C 189 -22.70 18.93 12.83
CA ASP C 189 -22.06 20.23 12.66
C ASP C 189 -21.47 20.34 11.26
N GLY C 190 -22.33 20.31 10.24
CA GLY C 190 -21.83 20.32 8.88
C GLY C 190 -21.28 18.97 8.46
N VAL C 191 -20.68 18.94 7.28
CA VAL C 191 -20.19 17.71 6.67
C VAL C 191 -18.71 17.88 6.39
N ASP C 192 -17.93 16.82 6.59
CA ASP C 192 -16.52 16.87 6.19
C ASP C 192 -16.17 15.63 5.39
N GLY C 193 -15.35 15.82 4.36
CA GLY C 193 -14.94 14.74 3.47
C GLY C 193 -13.45 14.48 3.57
N PHE C 194 -13.08 13.19 3.60
CA PHE C 194 -11.70 12.74 3.70
C PHE C 194 -11.36 11.85 2.51
N THR C 195 -10.13 11.89 2.07
CA THR C 195 -9.64 10.96 1.06
C THR C 195 -8.69 9.99 1.73
N LEU C 196 -8.78 8.71 1.39
CA LEU C 196 -7.86 7.71 1.92
C LEU C 196 -6.51 7.82 1.23
N ASP C 197 -5.46 8.06 2.02
CA ASP C 197 -4.08 8.02 1.54
C ASP C 197 -3.61 6.58 1.67
N THR C 198 -3.39 5.90 0.55
CA THR C 198 -3.05 4.48 0.65
C THR C 198 -1.59 4.26 0.99
N ASN C 199 -0.72 5.23 0.72
CA ASN C 199 0.69 5.12 1.16
C ASN C 199 0.77 5.06 2.68
N LEU C 200 -0.17 5.73 3.36
CA LEU C 200 -0.14 5.87 4.81
C LEU C 200 -1.26 5.17 5.51
N GLY C 201 -2.29 4.72 4.79
CA GLY C 201 -3.47 4.23 5.45
C GLY C 201 -4.12 5.22 6.40
N GLU C 202 -4.22 6.50 5.99
CA GLU C 202 -4.85 7.55 6.77
C GLU C 202 -5.90 8.24 5.93
N PHE C 203 -7.06 8.51 6.56
CA PHE C 203 -8.07 9.39 5.97
C PHE C 203 -7.65 10.83 6.23
N ILE C 204 -7.46 11.58 5.17
CA ILE C 204 -6.97 12.95 5.27
C ILE C 204 -8.06 13.90 4.83
N LEU C 205 -8.26 14.96 5.60
CA LEU C 205 -9.28 15.97 5.34
C LEU C 205 -9.01 16.70 4.03
N THR C 206 -9.93 16.55 3.07
CA THR C 206 -9.79 17.18 1.77
C THR C 206 -10.96 18.04 1.38
N HIS C 207 -12.12 17.89 2.04
CA HIS C 207 -13.32 18.68 1.73
C HIS C 207 -13.97 19.12 3.03
N PRO C 208 -13.39 20.11 3.72
CA PRO C 208 -13.99 20.52 5.00
C PRO C 208 -15.22 21.38 4.77
N ASN C 209 -16.16 21.27 5.71
CA ASN C 209 -17.40 22.06 5.64
C ASN C 209 -18.00 21.97 4.25
N LEU C 210 -18.19 20.73 3.81
CA LEU C 210 -18.68 20.49 2.47
C LEU C 210 -20.09 21.06 2.31
N ARG C 211 -20.31 21.78 1.22
CA ARG C 211 -21.57 22.44 0.94
C ARG C 211 -22.04 22.00 -0.44
N ILE C 212 -23.28 21.55 -0.55
CA ILE C 212 -23.78 21.09 -1.84
C ILE C 212 -24.38 22.31 -2.52
N PRO C 213 -24.06 22.59 -3.78
CA PRO C 213 -24.56 23.81 -4.43
C PRO C 213 -26.08 23.83 -4.45
N PRO C 214 -26.71 24.99 -4.21
CA PRO C 214 -28.18 25.05 -4.24
C PRO C 214 -28.79 24.73 -5.58
N GLN C 215 -28.04 24.83 -6.69
CA GLN C 215 -28.59 24.73 -8.03
C GLN C 215 -27.60 23.96 -8.89
N LYS C 216 -28.06 22.91 -9.57
CA LYS C 216 -27.22 22.18 -10.51
C LYS C 216 -28.09 21.24 -11.33
N ALA C 217 -28.00 21.30 -12.65
CA ALA C 217 -28.94 20.58 -13.51
C ALA C 217 -28.37 19.19 -13.84
N ILE C 218 -28.31 18.35 -12.80
CA ILE C 218 -27.97 16.94 -12.95
C ILE C 218 -29.02 16.12 -12.21
N TYR C 219 -29.52 15.07 -12.85
CA TYR C 219 -30.46 14.20 -12.17
C TYR C 219 -30.02 12.74 -12.32
N SER C 220 -30.36 11.94 -11.30
CA SER C 220 -29.80 10.60 -11.13
C SER C 220 -30.92 9.66 -10.73
N ILE C 221 -31.34 8.81 -11.68
CA ILE C 221 -32.51 7.95 -11.48
C ILE C 221 -32.46 6.83 -12.51
N ASN C 222 -33.09 5.69 -12.17
CA ASN C 222 -33.15 4.55 -13.10
C ASN C 222 -34.39 4.68 -13.96
N GLU C 223 -34.24 5.31 -15.14
CA GLU C 223 -35.39 5.51 -16.01
C GLU C 223 -35.90 4.21 -16.60
N GLY C 224 -35.17 3.10 -16.41
CA GLY C 224 -35.72 1.80 -16.74
C GLY C 224 -36.95 1.47 -15.95
N ASN C 225 -37.16 2.15 -14.82
CA ASN C 225 -38.35 1.94 -14.00
C ASN C 225 -39.50 2.86 -14.38
N THR C 226 -39.36 3.63 -15.47
CA THR C 226 -40.41 4.57 -15.88
C THR C 226 -41.77 3.89 -15.95
N LEU C 227 -41.81 2.70 -16.54
CA LEU C 227 -43.05 1.92 -16.64
C LEU C 227 -43.77 1.84 -15.29
N TYR C 228 -43.03 1.63 -14.22
CA TYR C 228 -43.60 1.36 -12.92
C TYR C 228 -43.90 2.60 -12.07
N TRP C 229 -43.57 3.81 -12.54
CA TRP C 229 -43.83 5.04 -11.79
C TRP C 229 -45.24 5.55 -12.05
N ASN C 230 -45.76 6.36 -11.13
CA ASN C 230 -47.04 7.01 -11.35
C ASN C 230 -46.84 8.26 -12.21
N GLU C 231 -47.94 8.92 -12.53
CA GLU C 231 -47.87 10.02 -13.49
C GLU C 231 -47.15 11.24 -12.93
N THR C 232 -47.27 11.49 -11.62
CA THR C 232 -46.57 12.63 -11.03
C THR C 232 -45.06 12.49 -11.17
N ILE C 233 -44.53 11.30 -10.81
CA ILE C 233 -43.10 11.05 -10.92
C ILE C 233 -42.65 11.14 -12.38
N ARG C 234 -43.38 10.45 -13.28
CA ARG C 234 -43.05 10.43 -14.70
C ARG C 234 -42.98 11.84 -15.28
N THR C 235 -43.98 12.68 -14.98
CA THR C 235 -44.00 14.02 -15.55
C THR C 235 -42.91 14.89 -14.96
N PHE C 236 -42.52 14.67 -13.69
CA PHE C 236 -41.35 15.39 -13.21
C PHE C 236 -40.11 15.02 -14.00
N ILE C 237 -39.95 13.73 -14.31
CA ILE C 237 -38.74 13.35 -15.03
C ILE C 237 -38.81 13.84 -16.47
N GLU C 238 -40.02 13.99 -17.03
CA GLU C 238 -40.13 14.63 -18.35
C GLU C 238 -39.74 16.09 -18.29
N LYS C 239 -40.02 16.77 -17.16
CA LYS C 239 -39.68 18.19 -17.05
C LYS C 239 -38.17 18.42 -17.07
N VAL C 240 -37.39 17.53 -16.44
CA VAL C 240 -35.96 17.82 -16.31
C VAL C 240 -35.25 17.68 -17.65
N LYS C 241 -35.86 16.99 -18.62
CA LYS C 241 -35.32 16.87 -19.98
C LYS C 241 -35.59 18.08 -20.87
N GLN C 242 -36.44 19.01 -20.44
CA GLN C 242 -36.71 20.23 -21.18
C GLN C 242 -35.61 21.28 -20.95
N PRO C 243 -35.53 22.27 -21.83
CA PRO C 243 -34.58 23.38 -21.58
C PRO C 243 -34.88 24.04 -20.24
N GLN C 244 -33.85 24.42 -19.52
CA GLN C 244 -34.00 25.05 -18.21
C GLN C 244 -33.42 26.45 -18.26
N ALA C 245 -34.22 27.44 -17.90
CA ALA C 245 -33.76 28.84 -17.94
C ALA C 245 -32.56 29.01 -17.00
N ASP C 246 -32.62 28.41 -15.81
CA ASP C 246 -31.54 28.58 -14.81
C ASP C 246 -30.32 27.75 -15.20
N ASN C 247 -30.29 27.20 -16.42
CA ASN C 247 -29.18 26.37 -16.87
C ASN C 247 -28.78 26.75 -18.30
N ASN C 248 -29.02 28.02 -18.66
CA ASN C 248 -28.72 28.54 -20.01
C ASN C 248 -29.54 27.82 -21.07
N ASN C 249 -30.83 27.59 -20.78
CA ASN C 249 -31.74 26.97 -21.73
C ASN C 249 -31.30 25.56 -22.12
N LYS C 250 -30.49 24.94 -21.29
CA LYS C 250 -30.06 23.58 -21.55
C LYS C 250 -30.84 22.61 -20.66
N PRO C 251 -31.11 21.39 -21.10
CA PRO C 251 -31.80 20.43 -20.22
C PRO C 251 -30.86 19.92 -19.14
N PHE C 252 -31.43 19.18 -18.19
CA PHE C 252 -30.59 18.50 -17.20
C PHE C 252 -29.69 17.48 -17.88
N SER C 253 -28.54 17.23 -17.27
CA SER C 253 -27.71 16.08 -17.62
C SER C 253 -28.01 14.91 -16.70
N ALA C 254 -27.90 13.70 -17.23
CA ALA C 254 -28.24 12.49 -16.47
C ALA C 254 -27.01 11.66 -16.14
N ARG C 255 -26.94 11.16 -14.89
CA ARG C 255 -25.90 10.23 -14.45
C ARG C 255 -26.51 9.20 -13.50
N TYR C 256 -26.13 7.91 -13.65
CA TYR C 256 -26.69 6.88 -12.76
C TYR C 256 -25.72 5.70 -12.72
N VAL C 257 -24.79 5.75 -11.75
CA VAL C 257 -23.84 4.66 -11.59
C VAL C 257 -24.59 3.37 -11.25
N GLY C 258 -25.69 3.48 -10.53
CA GLY C 258 -26.37 2.31 -10.03
C GLY C 258 -25.91 1.87 -8.67
N SER C 259 -24.93 2.56 -8.08
CA SER C 259 -24.53 2.39 -6.68
C SER C 259 -24.96 3.66 -5.96
N MET C 260 -25.93 3.55 -5.07
CA MET C 260 -26.52 4.74 -4.49
C MET C 260 -25.45 5.60 -3.82
N VAL C 261 -24.45 4.98 -3.17
CA VAL C 261 -23.43 5.77 -2.47
C VAL C 261 -22.63 6.60 -3.47
N ALA C 262 -22.32 6.04 -4.62
CA ALA C 262 -21.50 6.77 -5.57
C ALA C 262 -22.29 7.89 -6.22
N ASP C 263 -23.56 7.60 -6.54
CA ASP C 263 -24.41 8.64 -7.14
C ASP C 263 -24.65 9.77 -6.17
N VAL C 264 -24.88 9.44 -4.90
CA VAL C 264 -25.13 10.51 -3.94
C VAL C 264 -23.85 11.27 -3.62
N HIS C 265 -22.71 10.58 -3.57
CA HIS C 265 -21.43 11.28 -3.37
C HIS C 265 -21.20 12.30 -4.48
N ARG C 266 -21.41 11.88 -5.75
CA ARG C 266 -21.33 12.86 -6.83
C ARG C 266 -22.34 13.97 -6.60
N THR C 267 -23.53 13.65 -6.11
CA THR C 267 -24.51 14.70 -5.85
C THR C 267 -24.01 15.69 -4.79
N PHE C 268 -23.35 15.20 -3.73
CA PHE C 268 -22.79 16.08 -2.71
C PHE C 268 -21.78 17.04 -3.31
N LEU C 269 -20.88 16.51 -4.15
CA LEU C 269 -19.75 17.30 -4.63
C LEU C 269 -20.13 18.19 -5.80
N TYR C 270 -20.99 17.73 -6.73
CA TYR C 270 -21.27 18.52 -7.91
C TYR C 270 -22.59 19.27 -7.79
N GLY C 271 -23.48 18.83 -6.92
CA GLY C 271 -24.87 19.26 -6.95
C GLY C 271 -25.73 18.35 -7.81
N GLY C 272 -27.06 18.50 -7.65
CA GLY C 272 -28.04 17.84 -8.49
C GLY C 272 -29.12 17.17 -7.66
N LEU C 273 -29.76 16.16 -8.26
CA LEU C 273 -30.80 15.35 -7.65
C LEU C 273 -30.49 13.88 -7.79
N PHE C 274 -30.80 13.11 -6.74
CA PHE C 274 -30.83 11.66 -6.80
C PHE C 274 -32.20 11.21 -6.34
N ALA C 275 -32.75 10.21 -7.02
CA ALA C 275 -34.08 9.73 -6.67
C ALA C 275 -34.13 8.23 -6.79
N TYR C 276 -34.81 7.60 -5.84
CA TYR C 276 -35.32 6.25 -6.02
C TYR C 276 -36.73 6.32 -5.51
N PRO C 277 -37.71 6.60 -6.39
CA PRO C 277 -39.09 6.75 -5.95
C PRO C 277 -39.78 5.41 -5.72
N CYS C 278 -40.99 5.49 -5.17
CA CYS C 278 -41.87 4.33 -5.16
C CYS C 278 -42.15 3.88 -6.58
N ASP C 279 -42.45 2.59 -6.74
CA ASP C 279 -42.93 2.12 -8.03
C ASP C 279 -43.68 0.80 -7.80
N LYS C 280 -44.35 0.32 -8.84
CA LYS C 280 -45.22 -0.85 -8.66
C LYS C 280 -44.45 -2.06 -8.17
N LYS C 281 -43.17 -2.19 -8.56
CA LYS C 281 -42.43 -3.35 -8.09
C LYS C 281 -41.88 -3.13 -6.70
N SER C 282 -41.63 -1.87 -6.33
CA SER C 282 -41.08 -1.47 -5.02
C SER C 282 -42.01 -0.40 -4.47
N PRO C 283 -43.12 -0.78 -3.84
CA PRO C 283 -44.10 0.23 -3.44
C PRO C 283 -43.60 1.19 -2.35
N ASN C 284 -42.47 0.89 -1.72
CA ASN C 284 -41.93 1.73 -0.65
C ASN C 284 -40.50 2.16 -0.93
N GLY C 285 -40.08 2.16 -2.21
CA GLY C 285 -38.70 2.40 -2.59
C GLY C 285 -37.82 1.18 -2.41
N LYS C 286 -36.52 1.38 -2.67
CA LYS C 286 -35.46 0.41 -2.34
C LYS C 286 -34.54 0.82 -1.21
N LEU C 287 -34.22 2.10 -1.04
CA LEU C 287 -33.33 2.43 0.06
C LEU C 287 -33.94 1.96 1.38
N ARG C 288 -33.10 1.36 2.21
CA ARG C 288 -33.49 1.03 3.58
C ARG C 288 -33.53 2.31 4.40
N LEU C 289 -34.63 2.54 5.11
CA LEU C 289 -34.79 3.79 5.84
C LEU C 289 -33.73 3.92 6.92
N LEU C 290 -33.59 2.90 7.75
CA LEU C 290 -32.75 3.02 8.96
C LEU C 290 -31.26 3.29 8.66
N TYR C 291 -30.69 2.62 7.67
CA TYR C 291 -29.25 2.67 7.49
C TYR C 291 -28.84 3.11 6.09
N GLU C 292 -29.78 3.68 5.32
CA GLU C 292 -29.45 4.22 4.02
C GLU C 292 -30.10 5.58 3.79
N ALA C 293 -31.44 5.66 3.79
CA ALA C 293 -32.13 6.94 3.62
C ALA C 293 -31.88 7.86 4.82
N PHE C 294 -31.97 7.33 6.07
CA PHE C 294 -31.59 8.16 7.22
C PHE C 294 -30.19 8.77 7.14
N PRO C 295 -29.11 7.98 7.09
CA PRO C 295 -27.80 8.61 7.16
C PRO C 295 -27.57 9.58 6.01
N MET C 296 -28.09 9.26 4.82
CA MET C 296 -27.84 10.12 3.68
C MET C 296 -28.63 11.43 3.81
N ALA C 297 -29.85 11.36 4.36
CA ALA C 297 -30.65 12.55 4.60
C ALA C 297 -29.99 13.44 5.64
N PHE C 298 -29.39 12.84 6.66
CA PHE C 298 -28.69 13.62 7.72
C PHE C 298 -27.49 14.34 7.09
N LEU C 299 -26.65 13.59 6.40
CA LEU C 299 -25.53 14.22 5.70
C LEU C 299 -26.02 15.32 4.74
N MET C 300 -27.12 15.05 4.01
CA MET C 300 -27.54 15.97 2.96
C MET C 300 -28.04 17.28 3.59
N GLU C 301 -28.82 17.18 4.67
CA GLU C 301 -29.27 18.40 5.34
C GLU C 301 -28.11 19.16 5.94
N GLN C 302 -27.16 18.45 6.57
CA GLN C 302 -26.02 19.13 7.15
C GLN C 302 -25.12 19.78 6.10
N ALA C 303 -25.18 19.34 4.85
CA ALA C 303 -24.45 19.98 3.77
C ALA C 303 -25.24 21.11 3.12
N GLY C 304 -26.44 21.40 3.62
CA GLY C 304 -27.31 22.44 3.05
C GLY C 304 -28.27 21.97 1.98
N GLY C 305 -28.44 20.65 1.79
CA GLY C 305 -29.39 20.12 0.83
C GLY C 305 -30.70 19.73 1.47
N LYS C 306 -31.53 19.02 0.71
CA LYS C 306 -32.78 18.53 1.23
C LYS C 306 -32.94 17.07 0.88
N ALA C 307 -33.73 16.36 1.69
CA ALA C 307 -34.05 14.95 1.47
C ALA C 307 -35.47 14.70 1.92
N VAL C 308 -36.31 14.25 0.98
CA VAL C 308 -37.74 14.00 1.23
C VAL C 308 -38.13 12.68 0.57
N ASN C 309 -39.33 12.16 0.91
CA ASN C 309 -39.82 10.99 0.20
C ASN C 309 -40.67 11.47 -0.98
N ASP C 310 -41.32 10.53 -1.69
CA ASP C 310 -42.10 10.87 -2.89
C ASP C 310 -43.25 11.82 -2.57
N ARG C 311 -43.73 11.79 -1.33
CA ARG C 311 -44.83 12.61 -0.84
C ARG C 311 -44.36 13.97 -0.34
N GLY C 312 -43.07 14.25 -0.41
CA GLY C 312 -42.56 15.52 0.08
C GLY C 312 -42.32 15.59 1.58
N GLU C 313 -42.46 14.49 2.30
CA GLU C 313 -42.18 14.48 3.72
C GLU C 313 -40.68 14.40 3.98
N ARG C 314 -40.20 15.17 4.95
CA ARG C 314 -38.79 15.16 5.34
C ARG C 314 -38.35 13.77 5.81
N ILE C 315 -37.30 13.21 5.20
CA ILE C 315 -36.90 11.84 5.51
C ILE C 315 -36.61 11.68 6.99
N LEU C 316 -35.90 12.65 7.60
CA LEU C 316 -35.52 12.53 9.01
C LEU C 316 -36.72 12.56 9.96
N ASP C 317 -37.88 13.04 9.50
CA ASP C 317 -39.08 12.99 10.33
C ASP C 317 -39.68 11.59 10.39
N LEU C 318 -39.27 10.69 9.49
CA LEU C 318 -39.86 9.36 9.44
C LEU C 318 -39.32 8.49 10.56
N VAL C 319 -40.04 7.41 10.83
CA VAL C 319 -39.68 6.44 11.86
C VAL C 319 -39.89 5.06 11.27
N PRO C 320 -38.90 4.17 11.26
CA PRO C 320 -39.13 2.83 10.72
C PRO C 320 -40.03 2.01 11.64
N SER C 321 -40.79 1.10 11.03
CA SER C 321 -41.55 0.12 11.81
C SER C 321 -40.81 -1.20 12.01
N HIS C 322 -40.00 -1.64 11.04
CA HIS C 322 -39.03 -2.71 11.29
C HIS C 322 -37.65 -2.25 10.86
N ILE C 323 -36.63 -3.04 11.22
CA ILE C 323 -35.27 -2.57 11.00
C ILE C 323 -34.91 -2.53 9.53
N HIS C 324 -35.73 -3.11 8.67
CA HIS C 324 -35.44 -3.09 7.25
C HIS C 324 -36.55 -2.41 6.45
N ASP C 325 -37.37 -1.53 7.08
CA ASP C 325 -38.25 -0.68 6.27
C ASP C 325 -37.54 0.00 5.11
N LYS C 326 -38.30 0.28 4.08
CA LYS C 326 -37.79 1.00 2.93
C LYS C 326 -38.52 2.32 2.83
N SER C 327 -37.89 3.27 2.14
CA SER C 327 -38.53 4.55 1.86
C SER C 327 -38.17 4.98 0.45
N SER C 328 -39.10 5.65 -0.23
CA SER C 328 -38.67 6.36 -1.42
C SER C 328 -37.78 7.54 -1.01
N ILE C 329 -37.10 8.15 -1.97
CA ILE C 329 -36.26 9.26 -1.61
C ILE C 329 -35.97 10.12 -2.83
N TRP C 330 -35.99 11.43 -2.60
CA TRP C 330 -35.45 12.45 -3.49
C TRP C 330 -34.53 13.28 -2.62
N LEU C 331 -33.26 13.40 -2.99
CA LEU C 331 -32.38 14.23 -2.18
C LEU C 331 -31.36 14.90 -3.06
N GLY C 332 -30.81 16.00 -2.53
CA GLY C 332 -29.76 16.74 -3.20
C GLY C 332 -29.95 18.24 -3.07
N SER C 333 -29.58 18.98 -4.12
CA SER C 333 -29.54 20.45 -4.09
C SER C 333 -30.87 21.04 -3.65
N SER C 334 -30.81 21.97 -2.69
CA SER C 334 -32.02 22.50 -2.09
C SER C 334 -32.95 23.11 -3.15
N GLY C 335 -32.39 23.88 -4.09
CA GLY C 335 -33.22 24.44 -5.14
C GLY C 335 -33.92 23.38 -5.98
N GLU C 336 -33.20 22.30 -6.29
CA GLU C 336 -33.80 21.27 -7.15
C GLU C 336 -34.86 20.48 -6.39
N ILE C 337 -34.64 20.26 -5.09
CA ILE C 337 -35.66 19.60 -4.30
C ILE C 337 -36.88 20.49 -4.19
N ASP C 338 -36.66 21.81 -4.10
CA ASP C 338 -37.80 22.71 -4.05
C ASP C 338 -38.62 22.60 -5.32
N LYS C 339 -37.94 22.44 -6.46
CA LYS C 339 -38.66 22.21 -7.71
C LYS C 339 -39.49 20.92 -7.66
N PHE C 340 -38.93 19.84 -7.13
CA PHE C 340 -39.72 18.60 -6.99
C PHE C 340 -40.94 18.82 -6.09
N LEU C 341 -40.72 19.47 -4.95
CA LEU C 341 -41.81 19.71 -4.00
C LEU C 341 -42.92 20.53 -4.63
N ASP C 342 -42.56 21.57 -5.39
CA ASP C 342 -43.57 22.34 -6.10
C ASP C 342 -44.29 21.47 -7.13
N HIS C 343 -43.56 20.62 -7.85
CA HIS C 343 -44.19 19.76 -8.84
C HIS C 343 -45.26 18.87 -8.20
N ILE C 344 -44.92 18.27 -7.06
CA ILE C 344 -45.84 17.36 -6.32
C ILE C 344 -47.14 18.11 -6.04
N GLY C 345 -47.12 19.44 -6.10
CA GLY C 345 -48.35 20.20 -5.99
C GLY C 345 -49.06 20.33 -7.35
N ILE D 20 -1.25 -18.78 -11.78
CA ILE D 20 -1.15 -17.32 -11.85
C ILE D 20 -0.45 -16.89 -13.14
N ILE D 21 -1.22 -16.29 -14.04
CA ILE D 21 -0.68 -15.73 -15.27
C ILE D 21 -0.61 -14.22 -15.10
N THR D 22 0.58 -13.67 -15.00
CA THR D 22 0.73 -12.22 -15.04
C THR D 22 0.74 -11.73 -16.49
N LEU D 23 0.47 -10.44 -16.66
CA LEU D 23 0.48 -9.88 -18.01
C LEU D 23 1.81 -10.04 -18.74
N PRO D 24 2.98 -9.75 -18.13
CA PRO D 24 4.24 -9.92 -18.90
C PRO D 24 4.45 -11.34 -19.39
N ARG D 25 4.06 -12.33 -18.60
CA ARG D 25 4.14 -13.73 -19.04
C ARG D 25 3.21 -13.99 -20.21
N PHE D 26 1.94 -13.56 -20.09
CA PHE D 26 0.98 -13.63 -21.19
C PHE D 26 1.52 -13.05 -22.49
N ILE D 27 2.28 -11.96 -22.36
CA ILE D 27 2.74 -11.20 -23.52
C ILE D 27 3.97 -11.85 -24.14
N ILE D 28 4.85 -12.42 -23.31
CA ILE D 28 5.99 -13.17 -23.85
C ILE D 28 5.52 -14.48 -24.47
N GLU D 29 4.60 -15.19 -23.80
CA GLU D 29 4.07 -16.44 -24.35
C GLU D 29 3.35 -16.19 -25.67
N HIS D 30 2.65 -15.06 -25.77
CA HIS D 30 2.01 -14.77 -27.05
C HIS D 30 2.99 -14.32 -28.11
N GLN D 31 4.25 -14.11 -27.77
CA GLN D 31 5.28 -13.87 -28.78
C GLN D 31 6.05 -15.15 -29.09
N PHE D 41 7.15 -4.73 -29.95
CA PHE D 41 5.70 -4.77 -29.75
C PHE D 41 5.42 -5.16 -28.32
N THR D 42 6.10 -6.21 -27.87
CA THR D 42 6.09 -6.55 -26.45
C THR D 42 6.54 -5.37 -25.59
N LEU D 43 7.55 -4.63 -26.04
CA LEU D 43 7.89 -3.37 -25.41
C LEU D 43 6.72 -2.39 -25.40
N VAL D 44 5.91 -2.36 -26.46
CA VAL D 44 4.82 -1.40 -26.47
C VAL D 44 3.78 -1.76 -25.41
N LEU D 45 3.49 -3.06 -25.30
CA LEU D 45 2.56 -3.52 -24.27
C LEU D 45 3.13 -3.32 -22.87
N ASN D 46 4.45 -3.51 -22.71
CA ASN D 46 5.09 -3.23 -21.44
C ASN D 46 4.92 -1.77 -21.05
N ALA D 47 5.29 -0.85 -21.97
CA ALA D 47 5.11 0.57 -21.71
C ALA D 47 3.66 0.90 -21.35
N LEU D 48 2.71 0.27 -22.02
CA LEU D 48 1.30 0.55 -21.75
C LEU D 48 0.89 0.10 -20.35
N GLN D 49 1.24 -1.14 -19.98
CA GLN D 49 0.83 -1.60 -18.65
C GLN D 49 1.55 -0.83 -17.54
N PHE D 50 2.77 -0.40 -17.80
CA PHE D 50 3.46 0.47 -16.86
C PHE D 50 2.70 1.77 -16.67
N ALA D 51 2.40 2.45 -17.78
CA ALA D 51 1.62 3.67 -17.72
C ALA D 51 0.32 3.47 -16.95
N PHE D 52 -0.38 2.35 -17.18
CA PHE D 52 -1.66 2.12 -16.49
C PHE D 52 -1.47 1.98 -14.98
N LYS D 53 -0.46 1.23 -14.56
CA LYS D 53 -0.22 1.11 -13.13
C LYS D 53 0.06 2.48 -12.51
N PHE D 54 0.86 3.29 -13.21
CA PHE D 54 1.24 4.65 -12.71
C PHE D 54 -0.01 5.55 -12.64
N VAL D 55 -0.76 5.61 -13.73
CA VAL D 55 -1.97 6.42 -13.75
C VAL D 55 -2.96 5.96 -12.69
N SER D 56 -3.13 4.64 -12.54
CA SER D 56 -4.05 4.12 -11.53
C SER D 56 -3.64 4.56 -10.13
N HIS D 57 -2.34 4.47 -9.82
CA HIS D 57 -1.89 4.93 -8.50
C HIS D 57 -2.16 6.42 -8.31
N THR D 58 -1.82 7.23 -9.33
CA THR D 58 -2.05 8.67 -9.25
C THR D 58 -3.52 8.98 -9.04
N ILE D 59 -4.40 8.32 -9.79
CA ILE D 59 -5.83 8.56 -9.64
C ILE D 59 -6.30 8.17 -8.25
N ARG D 60 -5.77 7.07 -7.71
CA ARG D 60 -6.15 6.70 -6.35
C ARG D 60 -5.69 7.74 -5.34
N ARG D 61 -4.66 8.55 -5.66
CA ARG D 61 -4.31 9.65 -4.74
C ARG D 61 -5.32 10.79 -4.76
N ALA D 62 -5.97 11.05 -5.90
CA ALA D 62 -7.08 12.03 -5.99
C ALA D 62 -6.56 13.38 -5.47
N GLU D 63 -7.25 14.04 -4.53
CA GLU D 63 -6.82 15.39 -4.13
C GLU D 63 -5.46 15.37 -3.44
N LEU D 64 -4.99 14.21 -3.00
CA LEU D 64 -3.75 14.19 -2.24
C LEU D 64 -2.55 14.53 -3.10
N VAL D 65 -2.69 14.55 -4.43
CA VAL D 65 -1.57 14.95 -5.29
C VAL D 65 -1.16 16.39 -5.01
N ASN D 66 -2.13 17.27 -4.77
CA ASN D 66 -1.79 18.67 -4.52
C ASN D 66 -1.71 19.02 -3.04
N LEU D 67 -2.26 18.20 -2.16
CA LEU D 67 -2.27 18.48 -0.73
C LEU D 67 -1.03 17.96 -0.02
N VAL D 68 -0.59 16.74 -0.33
CA VAL D 68 0.43 16.06 0.47
C VAL D 68 1.76 16.13 -0.28
N GLY D 69 2.74 16.80 0.33
CA GLY D 69 4.06 16.89 -0.21
C GLY D 69 4.94 15.74 0.23
N LEU D 70 6.22 15.85 -0.08
CA LEU D 70 7.15 14.81 0.35
C LEU D 70 7.28 14.70 1.86
N ALA D 71 6.82 15.70 2.62
CA ALA D 71 7.07 15.73 4.08
C ALA D 71 5.85 16.07 4.96
N GLN D 81 0.81 23.28 -8.81
CA GLN D 81 -0.30 22.38 -8.48
C GLN D 81 -1.06 21.95 -9.75
N LYS D 82 -0.79 20.74 -10.23
CA LYS D 82 -1.31 20.26 -11.50
C LYS D 82 -2.69 19.60 -11.35
N LYS D 83 -3.24 19.19 -12.48
CA LYS D 83 -4.55 18.58 -12.59
C LYS D 83 -4.34 17.11 -12.90
N LEU D 84 -5.20 16.24 -12.36
CA LEU D 84 -5.02 14.80 -12.60
C LEU D 84 -5.02 14.47 -14.08
N ASP D 85 -5.88 15.12 -14.87
CA ASP D 85 -5.91 14.79 -16.29
C ASP D 85 -4.61 15.18 -16.97
N VAL D 86 -4.06 16.34 -16.60
CA VAL D 86 -2.78 16.78 -17.15
C VAL D 86 -1.66 15.84 -16.71
N LEU D 87 -1.64 15.46 -15.43
CA LEU D 87 -0.64 14.48 -14.97
C LEU D 87 -0.78 13.16 -15.73
N GLY D 88 -2.02 12.72 -15.96
CA GLY D 88 -2.21 11.45 -16.63
C GLY D 88 -1.71 11.49 -18.05
N ASP D 89 -2.01 12.58 -18.77
CA ASP D 89 -1.39 12.80 -20.06
C ASP D 89 0.13 12.77 -19.97
N GLU D 90 0.71 13.44 -18.98
CA GLU D 90 2.17 13.48 -18.89
C GLU D 90 2.75 12.10 -18.61
N ILE D 91 2.20 11.39 -17.63
CA ILE D 91 2.62 10.02 -17.33
C ILE D 91 2.60 9.20 -18.61
N PHE D 92 1.49 9.26 -19.34
CA PHE D 92 1.34 8.43 -20.53
C PHE D 92 2.30 8.84 -21.65
N ILE D 93 2.40 10.13 -21.93
CA ILE D 93 3.34 10.57 -22.98
C ILE D 93 4.78 10.26 -22.60
N ASN D 94 5.17 10.46 -21.33
CA ASN D 94 6.53 10.10 -20.92
C ASN D 94 6.80 8.62 -21.12
N ALA D 95 5.85 7.77 -20.71
CA ALA D 95 6.05 6.33 -20.88
C ALA D 95 6.17 5.98 -22.35
N MET D 96 5.31 6.55 -23.19
CA MET D 96 5.40 6.27 -24.62
C MET D 96 6.73 6.72 -25.17
N ARG D 97 7.15 7.96 -24.84
CA ARG D 97 8.39 8.50 -25.39
C ARG D 97 9.58 7.67 -24.96
N ALA D 98 9.58 7.21 -23.71
CA ALA D 98 10.70 6.45 -23.16
C ALA D 98 10.72 5.02 -23.64
N SER D 99 9.60 4.48 -24.12
CA SER D 99 9.63 3.17 -24.74
C SER D 99 10.69 3.11 -25.85
N GLY D 100 10.98 4.25 -26.47
CA GLY D 100 11.91 4.32 -27.60
C GLY D 100 11.40 3.74 -28.89
N ILE D 101 10.23 3.12 -28.89
CA ILE D 101 9.78 2.25 -29.97
C ILE D 101 8.50 2.75 -30.64
N ILE D 102 7.82 3.73 -30.07
CA ILE D 102 6.67 4.39 -30.68
C ILE D 102 7.22 5.63 -31.35
N LYS D 103 7.23 5.76 -32.70
CA LYS D 103 7.68 7.10 -33.21
C LYS D 103 6.56 8.15 -33.12
N VAL D 104 5.29 7.78 -33.24
CA VAL D 104 4.24 8.76 -33.46
C VAL D 104 3.12 8.52 -32.45
N LEU D 105 2.60 9.60 -31.90
CA LEU D 105 1.61 9.60 -30.85
C LEU D 105 0.45 10.52 -31.12
N VAL D 106 -0.76 10.03 -30.89
CA VAL D 106 -1.97 10.85 -30.80
C VAL D 106 -2.54 10.75 -29.38
N SER D 107 -2.67 11.90 -28.74
CA SER D 107 -3.29 11.99 -27.42
C SER D 107 -4.45 12.97 -27.47
N GLU D 108 -5.57 12.58 -26.84
CA GLU D 108 -6.75 13.44 -26.85
C GLU D 108 -6.43 14.89 -26.50
N GLU D 109 -5.49 15.13 -25.58
CA GLU D 109 -5.35 16.52 -25.21
C GLU D 109 -4.26 17.28 -25.95
N GLN D 110 -3.56 16.71 -26.92
CA GLN D 110 -2.69 17.54 -27.71
C GLN D 110 -3.44 17.84 -28.99
N GLU D 111 -3.51 19.11 -29.38
CA GLU D 111 -4.15 19.38 -30.66
C GLU D 111 -3.42 18.70 -31.81
N ASP D 112 -2.08 18.74 -31.80
CA ASP D 112 -1.30 18.29 -32.94
C ASP D 112 -0.72 16.90 -32.73
N LEU D 113 -0.32 16.29 -33.84
CA LEU D 113 0.36 15.00 -33.83
C LEU D 113 1.69 15.07 -33.08
N ILE D 114 1.99 14.02 -32.33
CA ILE D 114 3.26 13.90 -31.59
C ILE D 114 4.22 12.98 -32.34
N VAL D 115 5.43 13.48 -32.58
CA VAL D 115 6.53 12.70 -33.16
C VAL D 115 7.69 12.71 -32.19
N PHE D 116 8.25 11.53 -31.94
CA PHE D 116 9.37 11.39 -31.02
C PHE D 116 10.70 11.28 -31.75
N GLY D 121 12.03 2.54 -33.88
CA GLY D 121 10.64 2.96 -33.68
C GLY D 121 9.67 2.60 -34.79
N SER D 122 8.81 1.61 -34.53
CA SER D 122 7.99 1.00 -35.57
C SER D 122 6.48 1.06 -35.32
N TYR D 123 6.02 1.76 -34.29
CA TYR D 123 4.61 1.70 -33.94
C TYR D 123 4.05 3.09 -33.66
N ALA D 124 2.75 3.19 -33.80
CA ALA D 124 1.99 4.36 -33.42
C ALA D 124 0.91 3.95 -32.43
N VAL D 125 0.62 4.81 -31.49
CA VAL D 125 -0.46 4.55 -30.55
C VAL D 125 -1.29 5.81 -30.46
N CYS D 126 -2.60 5.63 -30.28
CA CYS D 126 -3.52 6.74 -30.13
C CYS D 126 -4.30 6.49 -28.86
N CYS D 127 -4.42 7.51 -28.01
CA CYS D 127 -4.88 7.26 -26.64
C CYS D 127 -5.70 8.43 -26.10
N ASP D 128 -6.65 8.10 -25.24
CA ASP D 128 -7.26 9.11 -24.33
C ASP D 128 -6.67 8.66 -22.98
N PRO D 129 -5.70 9.38 -22.41
CA PRO D 129 -5.03 8.91 -21.19
C PRO D 129 -5.95 8.88 -19.98
N ILE D 130 -6.83 9.86 -19.83
CA ILE D 130 -7.92 9.78 -18.88
C ILE D 130 -9.16 10.29 -19.60
N ASP D 131 -10.08 9.37 -19.90
CA ASP D 131 -11.46 9.55 -20.35
C ASP D 131 -12.40 9.47 -19.17
N GLY D 132 -13.48 10.25 -19.23
CA GLY D 132 -14.30 10.47 -18.05
C GLY D 132 -13.75 11.50 -17.11
N SER D 133 -12.99 12.47 -17.62
CA SER D 133 -12.41 13.53 -16.80
C SER D 133 -13.46 14.21 -15.91
N SER D 134 -14.66 14.39 -16.43
CA SER D 134 -15.69 15.07 -15.64
C SER D 134 -16.15 14.25 -14.44
N ASN D 135 -15.75 12.99 -14.34
CA ASN D 135 -16.00 12.17 -13.14
C ASN D 135 -14.86 12.20 -12.13
N LEU D 136 -13.69 12.74 -12.49
CA LEU D 136 -12.52 12.67 -11.61
C LEU D 136 -12.79 13.33 -10.25
N ASP D 137 -13.40 14.52 -10.24
CA ASP D 137 -13.65 15.18 -8.96
C ASP D 137 -14.59 14.40 -8.04
N ALA D 138 -15.34 13.44 -8.58
CA ALA D 138 -16.21 12.62 -7.74
C ALA D 138 -15.55 11.33 -7.30
N GLY D 139 -14.37 11.02 -7.83
CA GLY D 139 -13.68 9.80 -7.46
C GLY D 139 -14.32 8.54 -7.98
N VAL D 140 -15.18 8.69 -8.99
CA VAL D 140 -15.83 7.49 -9.56
C VAL D 140 -14.94 6.88 -10.64
N SER D 141 -15.44 5.90 -11.37
CA SER D 141 -14.59 5.17 -12.30
C SER D 141 -14.24 6.01 -13.52
N VAL D 142 -12.98 5.92 -13.94
CA VAL D 142 -12.52 6.59 -15.15
C VAL D 142 -11.64 5.57 -15.88
N GLY D 143 -10.96 5.95 -16.96
CA GLY D 143 -10.13 4.94 -17.59
C GLY D 143 -9.26 5.51 -18.69
N THR D 144 -8.34 4.67 -19.17
CA THR D 144 -7.45 4.98 -20.29
C THR D 144 -7.81 4.07 -21.46
N ILE D 145 -7.78 4.61 -22.67
CA ILE D 145 -8.18 3.83 -23.85
C ILE D 145 -7.17 4.06 -24.95
N ALA D 146 -6.81 2.99 -25.67
CA ALA D 146 -5.71 3.09 -26.62
C ALA D 146 -5.85 2.11 -27.78
N SER D 147 -5.50 2.59 -28.97
CA SER D 147 -5.35 1.79 -30.18
C SER D 147 -3.90 1.81 -30.62
N ILE D 148 -3.46 0.69 -31.21
CA ILE D 148 -2.07 0.53 -31.63
C ILE D 148 -2.06 0.20 -33.11
N PHE D 149 -1.22 0.88 -33.87
CA PHE D 149 -1.02 0.65 -35.30
C PHE D 149 0.44 0.33 -35.56
N ARG D 150 0.71 -0.69 -36.41
CA ARG D 150 2.04 -0.83 -36.96
C ARG D 150 2.19 0.12 -38.13
N LEU D 151 3.37 0.73 -38.25
CA LEU D 151 3.59 1.82 -39.20
C LEU D 151 3.52 1.40 -40.68
N VAL D 162 -0.68 6.65 -42.04
CA VAL D 162 -0.16 6.19 -40.74
C VAL D 162 -1.20 5.96 -39.64
N LEU D 163 -2.45 6.42 -39.75
CA LEU D 163 -3.41 6.22 -38.66
C LEU D 163 -4.87 6.14 -39.13
N ARG D 164 -5.20 5.27 -40.09
CA ARG D 164 -6.48 5.48 -40.78
C ARG D 164 -7.56 4.41 -40.63
N CYS D 165 -7.63 3.38 -41.47
CA CYS D 165 -8.82 2.52 -41.42
C CYS D 165 -8.86 1.66 -40.16
N GLY D 166 -10.06 1.51 -39.61
CA GLY D 166 -10.23 0.85 -38.32
C GLY D 166 -9.84 -0.61 -38.30
N LYS D 167 -9.97 -1.30 -39.45
CA LYS D 167 -9.56 -2.70 -39.51
C LYS D 167 -8.05 -2.87 -39.47
N GLU D 168 -7.28 -1.79 -39.51
CA GLU D 168 -5.83 -1.88 -39.58
C GLU D 168 -5.14 -1.69 -38.22
N MET D 169 -5.89 -1.79 -37.12
CA MET D 169 -5.28 -1.85 -35.79
C MET D 169 -4.67 -3.23 -35.54
N VAL D 170 -3.48 -3.26 -34.95
CA VAL D 170 -2.94 -4.54 -34.50
C VAL D 170 -3.41 -4.88 -33.08
N ALA D 171 -3.74 -3.89 -32.26
CA ALA D 171 -4.15 -4.20 -30.89
C ALA D 171 -4.96 -3.06 -30.33
N ALA D 172 -5.78 -3.41 -29.35
CA ALA D 172 -6.52 -2.37 -28.64
C ALA D 172 -6.67 -2.76 -27.19
N CYS D 173 -6.78 -1.75 -26.32
CA CYS D 173 -6.96 -2.07 -24.91
C CYS D 173 -7.49 -0.85 -24.18
N TYR D 174 -7.97 -1.10 -22.97
CA TYR D 174 -8.30 -0.07 -22.01
C TYR D 174 -7.92 -0.52 -20.60
N ALA D 175 -7.70 0.47 -19.73
CA ALA D 175 -7.60 0.28 -18.31
C ALA D 175 -8.79 0.97 -17.67
N MET D 176 -9.50 0.28 -16.80
CA MET D 176 -10.69 0.86 -16.21
C MET D 176 -10.28 1.05 -14.73
N TYR D 177 -10.18 2.30 -14.29
CA TYR D 177 -9.81 2.65 -12.92
C TYR D 177 -11.09 2.83 -12.12
N GLY D 178 -11.53 1.74 -11.49
CA GLY D 178 -12.70 1.80 -10.64
C GLY D 178 -12.36 1.45 -9.20
N SER D 179 -13.28 0.79 -8.49
CA SER D 179 -12.99 0.33 -7.13
C SER D 179 -11.88 -0.72 -7.14
N SER D 180 -11.70 -1.38 -8.29
CA SER D 180 -10.53 -2.14 -8.65
C SER D 180 -10.10 -1.71 -10.05
N THR D 181 -8.83 -1.93 -10.37
CA THR D 181 -8.29 -1.57 -11.68
C THR D 181 -8.23 -2.78 -12.61
N HIS D 182 -8.77 -2.63 -13.83
CA HIS D 182 -8.82 -3.75 -14.75
C HIS D 182 -8.18 -3.34 -16.07
N LEU D 183 -7.51 -4.28 -16.71
CA LEU D 183 -6.99 -4.05 -18.07
C LEU D 183 -7.67 -5.04 -19.00
N VAL D 184 -8.28 -4.54 -20.07
CA VAL D 184 -8.94 -5.41 -21.03
C VAL D 184 -8.28 -5.21 -22.38
N LEU D 185 -7.92 -6.32 -23.04
CA LEU D 185 -6.95 -6.29 -24.12
C LEU D 185 -7.34 -7.25 -25.24
N THR D 186 -7.17 -6.80 -26.50
CA THR D 186 -7.23 -7.71 -27.64
C THR D 186 -5.99 -7.54 -28.49
N LEU D 187 -5.44 -8.69 -28.89
CA LEU D 187 -4.32 -8.77 -29.80
C LEU D 187 -4.75 -9.10 -31.22
N GLY D 188 -6.04 -9.37 -31.43
CA GLY D 188 -6.52 -9.84 -32.72
C GLY D 188 -7.34 -11.11 -32.63
N ASP D 189 -7.11 -11.91 -31.58
CA ASP D 189 -7.80 -13.20 -31.42
C ASP D 189 -8.45 -13.23 -30.04
N GLY D 190 -9.66 -12.68 -29.95
CA GLY D 190 -10.38 -12.68 -28.70
C GLY D 190 -9.89 -11.62 -27.74
N VAL D 191 -10.47 -11.64 -26.55
CA VAL D 191 -10.26 -10.62 -25.52
C VAL D 191 -9.85 -11.28 -24.22
N ASP D 192 -8.91 -10.65 -23.50
CA ASP D 192 -8.53 -11.08 -22.17
C ASP D 192 -8.54 -9.91 -21.19
N GLY D 193 -9.08 -10.18 -20.00
CA GLY D 193 -9.19 -9.19 -18.93
C GLY D 193 -8.31 -9.57 -17.74
N PHE D 194 -7.65 -8.55 -17.18
CA PHE D 194 -6.66 -8.67 -16.12
C PHE D 194 -7.05 -7.76 -14.98
N THR D 195 -6.73 -8.19 -13.75
CA THR D 195 -6.98 -7.38 -12.57
C THR D 195 -5.63 -6.96 -11.98
N LEU D 196 -5.50 -5.68 -11.62
CA LEU D 196 -4.24 -5.21 -11.04
C LEU D 196 -4.14 -5.67 -9.59
N ASP D 197 -3.10 -6.45 -9.28
CA ASP D 197 -2.77 -6.84 -7.92
C ASP D 197 -1.78 -5.81 -7.38
N THR D 198 -2.25 -4.96 -6.47
CA THR D 198 -1.41 -3.92 -5.93
C THR D 198 -0.41 -4.47 -4.92
N ASN D 199 -0.69 -5.60 -4.26
CA ASN D 199 0.34 -6.24 -3.44
C ASN D 199 1.58 -6.53 -4.27
N LEU D 200 1.39 -7.05 -5.49
CA LEU D 200 2.46 -7.49 -6.36
C LEU D 200 2.77 -6.53 -7.49
N GLY D 201 1.98 -5.48 -7.67
CA GLY D 201 2.13 -4.60 -8.81
C GLY D 201 2.09 -5.33 -10.14
N GLU D 202 1.19 -6.30 -10.28
CA GLU D 202 1.12 -7.04 -11.54
C GLU D 202 -0.33 -7.14 -11.99
N PHE D 203 -0.56 -6.95 -13.29
CA PHE D 203 -1.85 -7.32 -13.84
C PHE D 203 -1.91 -8.84 -13.92
N ILE D 204 -2.97 -9.45 -13.39
CA ILE D 204 -3.10 -10.90 -13.33
C ILE D 204 -4.31 -11.32 -14.15
N LEU D 205 -4.12 -12.29 -15.05
CA LEU D 205 -5.23 -12.78 -15.86
C LEU D 205 -6.37 -13.25 -14.97
N THR D 206 -7.56 -12.64 -15.14
CA THR D 206 -8.72 -13.05 -14.36
C THR D 206 -9.96 -13.32 -15.21
N HIS D 207 -10.04 -12.83 -16.44
CA HIS D 207 -11.18 -13.03 -17.34
C HIS D 207 -10.64 -13.45 -18.70
N PRO D 208 -10.14 -14.67 -18.83
CA PRO D 208 -9.63 -15.12 -20.12
C PRO D 208 -10.73 -15.49 -21.08
N ASN D 209 -10.45 -15.26 -22.37
CA ASN D 209 -11.42 -15.52 -23.44
C ASN D 209 -12.77 -14.90 -23.09
N LEU D 210 -12.71 -13.63 -22.71
CA LEU D 210 -13.89 -12.89 -22.30
C LEU D 210 -14.93 -12.85 -23.43
N ARG D 211 -16.17 -13.25 -23.12
CA ARG D 211 -17.27 -13.28 -24.08
C ARG D 211 -18.43 -12.45 -23.57
N ILE D 212 -18.88 -11.47 -24.35
CA ILE D 212 -19.98 -10.63 -23.89
C ILE D 212 -21.30 -11.37 -24.11
N PRO D 213 -22.17 -11.48 -23.11
CA PRO D 213 -23.42 -12.22 -23.27
C PRO D 213 -24.23 -11.70 -24.44
N PRO D 214 -24.82 -12.60 -25.23
CA PRO D 214 -25.56 -12.17 -26.43
C PRO D 214 -26.80 -11.39 -26.11
N GLN D 215 -27.35 -11.53 -24.90
CA GLN D 215 -28.61 -10.88 -24.55
C GLN D 215 -28.57 -10.42 -23.10
N LYS D 216 -28.98 -9.17 -22.87
CA LYS D 216 -29.00 -8.59 -21.54
C LYS D 216 -29.71 -7.26 -21.63
N ALA D 217 -30.75 -7.05 -20.82
CA ALA D 217 -31.57 -5.84 -20.92
C ALA D 217 -31.01 -4.75 -19.99
N ILE D 218 -29.85 -4.22 -20.36
CA ILE D 218 -29.29 -3.02 -19.74
C ILE D 218 -28.93 -2.03 -20.84
N TYR D 219 -29.33 -0.77 -20.67
CA TYR D 219 -28.96 0.27 -21.64
C TYR D 219 -28.28 1.44 -20.93
N SER D 220 -27.31 2.02 -21.65
CA SER D 220 -26.39 3.00 -21.07
C SER D 220 -26.31 4.21 -22.00
N ILE D 221 -26.94 5.33 -21.61
CA ILE D 221 -27.07 6.50 -22.49
C ILE D 221 -27.43 7.70 -21.62
N ASN D 222 -27.03 8.88 -22.07
CA ASN D 222 -27.31 10.12 -21.33
C ASN D 222 -28.66 10.66 -21.79
N GLU D 223 -29.72 10.35 -21.05
CA GLU D 223 -31.06 10.73 -21.51
C GLU D 223 -31.35 12.20 -21.24
N GLY D 224 -30.43 12.92 -20.59
CA GLY D 224 -30.46 14.37 -20.67
C GLY D 224 -30.32 14.91 -22.08
N ASN D 225 -29.80 14.10 -23.01
CA ASN D 225 -29.67 14.57 -24.39
C ASN D 225 -30.91 14.26 -25.23
N THR D 226 -31.99 13.78 -24.62
CA THR D 226 -33.21 13.45 -25.34
C THR D 226 -33.67 14.61 -26.24
N LEU D 227 -33.66 15.82 -25.70
CA LEU D 227 -34.06 17.03 -26.44
C LEU D 227 -33.34 17.17 -27.78
N TYR D 228 -32.12 16.63 -27.89
CA TYR D 228 -31.29 16.83 -29.07
C TYR D 228 -31.25 15.62 -29.98
N TRP D 229 -31.96 14.54 -29.64
CA TRP D 229 -31.98 13.36 -30.49
C TRP D 229 -33.04 13.50 -31.56
N ASN D 230 -32.80 12.87 -32.72
CA ASN D 230 -33.85 12.74 -33.70
C ASN D 230 -34.86 11.68 -33.26
N GLU D 231 -35.93 11.54 -34.03
CA GLU D 231 -37.05 10.72 -33.56
C GLU D 231 -36.71 9.24 -33.58
N THR D 232 -35.87 8.80 -34.53
CA THR D 232 -35.48 7.40 -34.53
C THR D 232 -34.79 7.01 -33.22
N ILE D 233 -33.82 7.82 -32.80
CA ILE D 233 -33.12 7.54 -31.54
C ILE D 233 -34.08 7.60 -30.36
N ARG D 234 -34.83 8.72 -30.25
CA ARG D 234 -35.79 8.89 -29.17
C ARG D 234 -36.73 7.71 -29.04
N THR D 235 -37.28 7.25 -30.17
CA THR D 235 -38.26 6.15 -30.10
C THR D 235 -37.61 4.84 -29.75
N PHE D 236 -36.34 4.61 -30.16
CA PHE D 236 -35.70 3.38 -29.71
C PHE D 236 -35.52 3.38 -28.19
N ILE D 237 -35.13 4.53 -27.63
CA ILE D 237 -35.00 4.62 -26.18
C ILE D 237 -36.37 4.46 -25.49
N GLU D 238 -37.43 4.99 -26.12
CA GLU D 238 -38.79 4.72 -25.64
C GLU D 238 -39.09 3.23 -25.65
N LYS D 239 -38.60 2.53 -26.67
CA LYS D 239 -38.83 1.10 -26.78
C LYS D 239 -38.19 0.32 -25.64
N VAL D 240 -36.94 0.64 -25.28
CA VAL D 240 -36.31 -0.17 -24.24
C VAL D 240 -37.00 -0.04 -22.88
N LYS D 241 -37.81 0.99 -22.68
CA LYS D 241 -38.49 1.17 -21.41
C LYS D 241 -39.81 0.41 -21.32
N GLN D 242 -40.26 -0.20 -22.42
CA GLN D 242 -41.45 -1.03 -22.45
C GLN D 242 -41.15 -2.42 -21.95
N PRO D 243 -42.18 -3.18 -21.58
CA PRO D 243 -41.94 -4.59 -21.24
C PRO D 243 -41.26 -5.30 -22.39
N GLN D 244 -40.29 -6.14 -22.06
CA GLN D 244 -39.57 -6.94 -23.04
C GLN D 244 -39.93 -8.40 -22.78
N ALA D 245 -40.54 -9.05 -23.77
CA ALA D 245 -40.69 -10.49 -23.66
C ALA D 245 -39.37 -11.18 -23.37
N ASP D 246 -38.19 -10.68 -23.74
CA ASP D 246 -37.03 -11.58 -23.48
C ASP D 246 -36.36 -11.32 -22.13
N ASN D 247 -37.02 -10.56 -21.28
CA ASN D 247 -36.50 -10.16 -19.98
C ASN D 247 -37.57 -10.34 -18.93
N ASN D 248 -38.31 -11.45 -19.02
CA ASN D 248 -39.37 -11.78 -18.07
C ASN D 248 -40.48 -10.73 -18.06
N ASN D 249 -40.79 -10.18 -19.25
CA ASN D 249 -41.75 -9.08 -19.41
C ASN D 249 -41.38 -7.82 -18.62
N LYS D 250 -40.09 -7.54 -18.49
CA LYS D 250 -39.65 -6.36 -17.77
C LYS D 250 -38.89 -5.41 -18.71
N PRO D 251 -38.93 -4.11 -18.43
CA PRO D 251 -38.13 -3.16 -19.24
C PRO D 251 -36.64 -3.38 -19.00
N PHE D 252 -35.83 -2.77 -19.89
CA PHE D 252 -34.39 -2.67 -19.63
C PHE D 252 -34.14 -1.92 -18.31
N SER D 253 -33.07 -2.28 -17.64
CA SER D 253 -32.53 -1.43 -16.57
C SER D 253 -31.52 -0.45 -17.15
N ALA D 254 -31.47 0.76 -16.58
CA ALA D 254 -30.62 1.84 -17.08
C ALA D 254 -29.38 2.01 -16.19
N ARG D 255 -28.20 2.13 -16.81
CA ARG D 255 -26.99 2.49 -16.06
C ARG D 255 -26.14 3.45 -16.90
N TYR D 256 -25.60 4.52 -16.28
CA TYR D 256 -24.77 5.48 -17.03
C TYR D 256 -23.83 6.18 -16.04
N VAL D 257 -22.65 5.59 -15.84
CA VAL D 257 -21.63 6.19 -14.97
C VAL D 257 -21.26 7.57 -15.51
N GLY D 258 -21.20 7.71 -16.82
CA GLY D 258 -20.79 8.95 -17.41
C GLY D 258 -19.33 8.97 -17.77
N SER D 259 -18.62 7.87 -17.52
CA SER D 259 -17.27 7.64 -18.01
C SER D 259 -17.38 6.49 -18.99
N MET D 260 -17.04 6.74 -20.25
CA MET D 260 -17.39 5.77 -21.27
C MET D 260 -16.70 4.43 -21.01
N VAL D 261 -15.45 4.45 -20.55
CA VAL D 261 -14.71 3.20 -20.36
C VAL D 261 -15.38 2.35 -19.28
N ALA D 262 -15.85 2.98 -18.21
CA ALA D 262 -16.52 2.24 -17.14
C ALA D 262 -17.83 1.63 -17.64
N ASP D 263 -18.63 2.42 -18.36
CA ASP D 263 -19.91 1.92 -18.83
C ASP D 263 -19.70 0.79 -19.82
N VAL D 264 -18.71 0.93 -20.70
CA VAL D 264 -18.45 -0.11 -21.68
C VAL D 264 -17.83 -1.35 -21.01
N HIS D 265 -17.00 -1.17 -19.99
CA HIS D 265 -16.46 -2.32 -19.26
C HIS D 265 -17.56 -3.14 -18.62
N ARG D 266 -18.52 -2.45 -17.97
CA ARG D 266 -19.71 -3.12 -17.46
C ARG D 266 -20.46 -3.82 -18.58
N THR D 267 -20.55 -3.18 -19.76
CA THR D 267 -21.23 -3.82 -20.88
C THR D 267 -20.55 -5.13 -21.25
N PHE D 268 -19.22 -5.12 -21.35
CA PHE D 268 -18.48 -6.35 -21.66
C PHE D 268 -18.81 -7.44 -20.65
N LEU D 269 -18.72 -7.11 -19.36
CA LEU D 269 -18.85 -8.16 -18.34
C LEU D 269 -20.29 -8.60 -18.13
N TYR D 270 -21.27 -7.70 -18.26
CA TYR D 270 -22.66 -8.01 -17.97
C TYR D 270 -23.50 -8.24 -19.21
N GLY D 271 -23.05 -7.80 -20.38
CA GLY D 271 -23.92 -7.65 -21.53
C GLY D 271 -24.67 -6.33 -21.49
N GLY D 272 -25.35 -6.04 -22.61
CA GLY D 272 -26.15 -4.83 -22.66
C GLY D 272 -25.82 -3.92 -23.81
N LEU D 273 -26.26 -2.66 -23.71
CA LEU D 273 -26.14 -1.66 -24.76
C LEU D 273 -25.49 -0.40 -24.22
N PHE D 274 -24.49 0.12 -24.93
CA PHE D 274 -23.97 1.46 -24.65
C PHE D 274 -24.08 2.33 -25.89
N ALA D 275 -24.53 3.57 -25.71
CA ALA D 275 -24.70 4.45 -26.86
C ALA D 275 -24.28 5.86 -26.51
N TYR D 276 -23.64 6.52 -27.47
CA TYR D 276 -23.54 7.99 -27.50
C TYR D 276 -23.89 8.36 -28.94
N PRO D 277 -25.13 8.70 -29.22
CA PRO D 277 -25.53 9.03 -30.60
C PRO D 277 -25.19 10.46 -30.98
N CYS D 278 -25.34 10.74 -32.29
CA CYS D 278 -25.38 12.13 -32.74
C CYS D 278 -26.51 12.88 -32.03
N ASP D 279 -26.34 14.19 -31.93
CA ASP D 279 -27.37 15.05 -31.38
C ASP D 279 -27.08 16.47 -31.84
N LYS D 280 -28.08 17.35 -31.71
CA LYS D 280 -27.95 18.70 -32.25
C LYS D 280 -26.69 19.42 -31.79
N LYS D 281 -26.19 19.12 -30.59
CA LYS D 281 -25.00 19.82 -30.12
C LYS D 281 -23.72 19.06 -30.46
N SER D 282 -23.84 17.77 -30.78
CA SER D 282 -22.71 16.90 -31.12
C SER D 282 -23.08 16.12 -32.37
N PRO D 283 -23.16 16.80 -33.52
CA PRO D 283 -23.70 16.14 -34.73
C PRO D 283 -22.91 14.94 -35.19
N ASN D 284 -21.65 14.80 -34.78
CA ASN D 284 -20.88 13.61 -35.12
C ASN D 284 -20.56 12.79 -33.88
N GLY D 285 -21.40 12.90 -32.85
CA GLY D 285 -21.19 12.18 -31.62
C GLY D 285 -20.14 12.84 -30.75
N LYS D 286 -19.76 12.12 -29.71
CA LYS D 286 -18.83 12.59 -28.70
C LYS D 286 -17.54 11.80 -28.69
N LEU D 287 -17.63 10.49 -28.89
CA LEU D 287 -16.43 9.65 -28.89
C LEU D 287 -15.52 10.02 -30.03
N ARG D 288 -14.23 10.04 -29.76
CA ARG D 288 -13.22 10.16 -30.81
C ARG D 288 -13.06 8.82 -31.53
N LEU D 289 -13.15 8.86 -32.86
CA LEU D 289 -13.05 7.64 -33.63
C LEU D 289 -11.69 6.96 -33.42
N LEU D 290 -10.60 7.72 -33.58
CA LEU D 290 -9.28 7.10 -33.70
C LEU D 290 -8.90 6.33 -32.44
N TYR D 291 -9.18 6.90 -31.25
CA TYR D 291 -8.67 6.35 -30.00
C TYR D 291 -9.76 6.13 -28.96
N GLU D 292 -11.04 6.17 -29.34
CA GLU D 292 -12.07 5.71 -28.42
C GLU D 292 -12.98 4.73 -29.12
N ALA D 293 -13.64 5.17 -30.21
CA ALA D 293 -14.56 4.29 -30.91
C ALA D 293 -13.84 3.09 -31.54
N PHE D 294 -12.76 3.32 -32.33
CA PHE D 294 -12.04 2.18 -32.91
C PHE D 294 -11.70 1.12 -31.88
N PRO D 295 -10.93 1.44 -30.82
CA PRO D 295 -10.48 0.35 -29.95
C PRO D 295 -11.64 -0.35 -29.27
N MET D 296 -12.65 0.39 -28.81
CA MET D 296 -13.77 -0.29 -28.17
C MET D 296 -14.51 -1.18 -29.15
N ALA D 297 -14.65 -0.73 -30.41
CA ALA D 297 -15.28 -1.58 -31.42
C ALA D 297 -14.48 -2.85 -31.66
N PHE D 298 -13.15 -2.73 -31.69
CA PHE D 298 -12.31 -3.89 -31.97
C PHE D 298 -12.38 -4.89 -30.83
N LEU D 299 -12.22 -4.40 -29.60
CA LEU D 299 -12.47 -5.22 -28.42
C LEU D 299 -13.85 -5.87 -28.46
N MET D 300 -14.88 -5.10 -28.80
CA MET D 300 -16.26 -5.58 -28.71
C MET D 300 -16.54 -6.70 -29.71
N GLU D 301 -16.07 -6.55 -30.95
CA GLU D 301 -16.25 -7.62 -31.94
C GLU D 301 -15.48 -8.88 -31.54
N GLN D 302 -14.25 -8.73 -31.03
CA GLN D 302 -13.49 -9.90 -30.62
C GLN D 302 -14.12 -10.62 -29.43
N ALA D 303 -15.02 -9.96 -28.70
CA ALA D 303 -15.73 -10.56 -27.58
C ALA D 303 -17.09 -11.13 -27.99
N GLY D 304 -17.47 -10.98 -29.24
CA GLY D 304 -18.75 -11.49 -29.71
C GLY D 304 -19.87 -10.48 -29.70
N GLY D 305 -19.57 -9.19 -29.60
CA GLY D 305 -20.57 -8.15 -29.69
C GLY D 305 -20.46 -7.33 -30.96
N LYS D 306 -21.25 -6.26 -31.02
CA LYS D 306 -21.30 -5.41 -32.19
C LYS D 306 -21.08 -3.95 -31.82
N ALA D 307 -20.63 -3.19 -32.83
CA ALA D 307 -20.38 -1.75 -32.66
C ALA D 307 -20.64 -1.07 -33.99
N VAL D 308 -21.62 -0.17 -34.03
CA VAL D 308 -22.05 0.52 -35.25
C VAL D 308 -22.27 1.99 -34.93
N ASN D 309 -22.36 2.83 -35.96
CA ASN D 309 -22.67 4.23 -35.69
C ASN D 309 -24.19 4.38 -35.78
N ASP D 310 -24.71 5.63 -35.77
CA ASP D 310 -26.15 5.82 -35.73
C ASP D 310 -26.83 5.31 -36.98
N ARG D 311 -26.12 5.21 -38.09
CA ARG D 311 -26.67 4.71 -39.34
C ARG D 311 -26.56 3.20 -39.44
N GLY D 312 -25.99 2.54 -38.44
CA GLY D 312 -25.82 1.10 -38.52
C GLY D 312 -24.61 0.67 -39.31
N GLU D 313 -23.70 1.57 -39.66
CA GLU D 313 -22.44 1.16 -40.28
C GLU D 313 -21.50 0.63 -39.21
N ARG D 314 -20.79 -0.44 -39.56
CA ARG D 314 -19.76 -1.02 -38.69
C ARG D 314 -18.66 0.00 -38.39
N ILE D 315 -18.27 0.10 -37.11
CA ILE D 315 -17.31 1.12 -36.70
C ILE D 315 -15.92 0.84 -37.29
N LEU D 316 -15.50 -0.43 -37.31
CA LEU D 316 -14.19 -0.73 -37.87
C LEU D 316 -14.08 -0.42 -39.36
N ASP D 317 -15.20 -0.30 -40.08
CA ASP D 317 -15.12 0.05 -41.50
C ASP D 317 -14.82 1.52 -41.72
N LEU D 318 -15.07 2.39 -40.74
CA LEU D 318 -14.90 3.82 -40.94
C LEU D 318 -13.42 4.17 -41.06
N VAL D 319 -13.16 5.40 -41.51
CA VAL D 319 -11.80 5.93 -41.67
C VAL D 319 -11.84 7.40 -41.26
N PRO D 320 -11.02 7.85 -40.33
CA PRO D 320 -11.07 9.26 -39.92
C PRO D 320 -10.29 10.17 -40.85
N SER D 321 -10.79 11.40 -41.00
CA SER D 321 -10.16 12.41 -41.84
C SER D 321 -9.23 13.36 -41.07
N HIS D 322 -9.42 13.50 -39.76
CA HIS D 322 -8.42 14.17 -38.92
C HIS D 322 -8.36 13.45 -37.57
N ILE D 323 -7.21 13.57 -36.91
CA ILE D 323 -6.90 12.66 -35.81
C ILE D 323 -7.90 12.75 -34.67
N HIS D 324 -8.65 13.84 -34.57
CA HIS D 324 -9.64 14.02 -33.52
C HIS D 324 -11.09 13.90 -34.05
N ASP D 325 -11.29 13.25 -35.21
CA ASP D 325 -12.64 12.93 -35.71
C ASP D 325 -13.50 12.25 -34.64
N LYS D 326 -14.75 12.69 -34.56
CA LYS D 326 -15.75 12.10 -33.68
C LYS D 326 -16.67 11.17 -34.46
N SER D 327 -17.32 10.25 -33.75
CA SER D 327 -18.33 9.36 -34.33
C SER D 327 -19.35 8.98 -33.27
N SER D 328 -20.61 8.82 -33.71
CA SER D 328 -21.61 8.27 -32.81
C SER D 328 -21.38 6.76 -32.66
N ILE D 329 -22.00 6.16 -31.65
CA ILE D 329 -21.73 4.75 -31.46
C ILE D 329 -22.87 4.10 -30.69
N TRP D 330 -23.15 2.85 -31.08
CA TRP D 330 -23.97 1.88 -30.38
C TRP D 330 -23.15 0.60 -30.34
N LEU D 331 -22.84 0.10 -29.14
CA LEU D 331 -22.05 -1.13 -29.05
C LEU D 331 -22.51 -1.97 -27.87
N GLY D 332 -22.22 -3.26 -27.94
CA GLY D 332 -22.63 -4.16 -26.89
C GLY D 332 -23.08 -5.52 -27.38
N SER D 333 -23.94 -6.15 -26.58
CA SER D 333 -24.46 -7.48 -26.88
C SER D 333 -24.94 -7.54 -28.33
N SER D 334 -24.58 -8.61 -29.03
CA SER D 334 -24.99 -8.76 -30.43
C SER D 334 -26.50 -8.69 -30.58
N GLY D 335 -27.24 -9.42 -29.74
CA GLY D 335 -28.70 -9.42 -29.88
C GLY D 335 -29.32 -8.05 -29.66
N GLU D 336 -28.81 -7.29 -28.68
CA GLU D 336 -29.40 -5.97 -28.43
C GLU D 336 -29.04 -4.99 -29.54
N ILE D 337 -27.83 -5.11 -30.09
CA ILE D 337 -27.49 -4.29 -31.25
C ILE D 337 -28.33 -4.68 -32.46
N ASP D 338 -28.67 -5.97 -32.60
CA ASP D 338 -29.58 -6.39 -33.67
C ASP D 338 -30.93 -5.74 -33.50
N LYS D 339 -31.42 -5.63 -32.25
CA LYS D 339 -32.65 -4.88 -32.02
C LYS D 339 -32.54 -3.45 -32.52
N PHE D 340 -31.42 -2.78 -32.21
CA PHE D 340 -31.23 -1.42 -32.71
C PHE D 340 -31.19 -1.38 -34.23
N LEU D 341 -30.52 -2.36 -34.86
CA LEU D 341 -30.43 -2.40 -36.32
C LEU D 341 -31.80 -2.59 -36.95
N ASP D 342 -32.57 -3.57 -36.46
CA ASP D 342 -33.95 -3.73 -36.88
C ASP D 342 -34.73 -2.42 -36.74
N HIS D 343 -34.51 -1.70 -35.64
CA HIS D 343 -35.25 -0.45 -35.41
C HIS D 343 -34.95 0.60 -36.48
N ILE D 344 -33.69 0.73 -36.90
CA ILE D 344 -33.38 1.73 -37.91
C ILE D 344 -33.62 1.16 -39.31
#